data_8DMQ
#
_entry.id   8DMQ
#
_cell.length_a   108.719
_cell.length_b   108.719
_cell.length_c   209.143
_cell.angle_alpha   90.000
_cell.angle_beta   90.000
_cell.angle_gamma   120.000
#
_symmetry.space_group_name_H-M   'P 31 2 1'
#
loop_
_entity.id
_entity.type
_entity.pdbx_description
1 polymer MavL
2 polymer Ubiquitin
3 non-polymer 'CITRATE ANION'
4 non-polymer 1,2-ETHANEDIOL
5 non-polymer 'METHYL 4-AMINOBUTANOATE'
6 non-polymer 'PENTAETHYLENE GLYCOL'
7 water water
#
loop_
_entity_poly.entity_id
_entity_poly.type
_entity_poly.pdbx_seq_one_letter_code
_entity_poly.pdbx_strand_id
1 'polypeptide(L)'
;GPLGSAYQLLLSKETLNKILQYKQNLEKGLATPGKFFLEELSKQEKSISEMDITTFTQLLIQSKKPQVFAESQVYHDGTD
WTLEEESILGDVSVNMPVTMYNDGGHGSSFKNHPKPISGYLAYVPGALLASGSGPTSDMKEVLDNGKLNQDKLNALYERR
LLPQLIHFNELARQNEKQAAITIPGIGTGCFSGAYYDVIKPYVRNALIHILEKHKDSLPYIDIIHYDPYMGDEPAEKKIG
HMSFRVSPSGVVRGTTGQLDYPLGSNPDTHILVSIVAWDHFSWPGNDYWGGARQTDDGVKAASTDTMGQVTGATGVYDKK
WGRYMPPESFTKDRKGMSDWGDYVRENGIVFNGPVLALDKSGKLDTLENVASRSSKAKVETTTTISDLVRSMFSLFSHS
;
A,B
2 'polypeptide(L)' MQIFVKTLTGKTITLEVEPSDTIENVKAKIQDKEGIPPDQQRLIFAGKQLEDGRTLSDYNIQKESTLHLVLRLRG C,D
#
loop_
_chem_comp.id
_chem_comp.type
_chem_comp.name
_chem_comp.formula
1PE non-polymer 'PENTAETHYLENE GLYCOL' 'C10 H22 O6'
EDO non-polymer 1,2-ETHANEDIOL 'C2 H6 O2'
FLC non-polymer 'CITRATE ANION' 'C6 H5 O7 -3'
GVE peptide-like 'METHYL 4-AMINOBUTANOATE' 'C5 H11 N O2'
#
# COMPACT_ATOMS: atom_id res chain seq x y z
N ALA A 6 1.27 12.01 21.89
CA ALA A 6 1.68 12.52 20.59
C ALA A 6 0.51 13.22 19.85
N TYR A 7 -0.72 12.77 20.05
CA TYR A 7 -1.87 13.42 19.42
C TYR A 7 -3.11 13.12 20.23
N GLN A 8 -4.17 13.88 19.99
CA GLN A 8 -5.36 13.82 20.80
C GLN A 8 -6.60 13.91 19.92
N LEU A 9 -7.45 12.87 19.98
CA LEU A 9 -8.69 12.80 19.22
C LEU A 9 -9.79 13.46 20.04
N LEU A 10 -10.60 14.27 19.39
CA LEU A 10 -11.69 14.95 20.08
C LEU A 10 -12.99 14.77 19.32
N LEU A 11 -14.10 14.87 20.04
CA LEU A 11 -15.42 14.78 19.42
C LEU A 11 -16.46 15.41 20.32
N SER A 12 -17.60 15.73 19.73
CA SER A 12 -18.69 16.43 20.38
C SER A 12 -19.57 15.47 21.16
N LYS A 13 -20.37 16.08 22.06
CA LYS A 13 -21.37 15.35 22.84
C LYS A 13 -22.33 14.59 21.93
N GLU A 14 -22.83 15.28 20.90
CA GLU A 14 -23.75 14.66 19.94
C GLU A 14 -23.09 13.51 19.19
N THR A 15 -21.80 13.64 18.88
CA THR A 15 -21.09 12.53 18.25
C THR A 15 -20.99 11.35 19.21
N LEU A 16 -20.71 11.62 20.49
CA LEU A 16 -20.71 10.54 21.48
C LEU A 16 -22.06 9.81 21.51
N ASN A 17 -23.18 10.55 21.46
CA ASN A 17 -24.49 9.89 21.41
C ASN A 17 -24.61 8.96 20.22
N LYS A 18 -24.18 9.41 19.04
CA LYS A 18 -24.21 8.55 17.87
C LYS A 18 -23.37 7.31 18.09
N ILE A 19 -22.22 7.44 18.76
CA ILE A 19 -21.36 6.29 18.98
C ILE A 19 -22.04 5.30 19.91
N LEU A 20 -22.63 5.81 20.99
CA LEU A 20 -23.32 4.93 21.93
C LEU A 20 -24.45 4.18 21.24
N GLN A 21 -25.22 4.89 20.41
CA GLN A 21 -26.30 4.25 19.66
C GLN A 21 -25.76 3.19 18.71
N TYR A 22 -24.64 3.50 18.03
CA TYR A 22 -24.07 2.54 17.09
C TYR A 22 -23.61 1.29 17.81
N LYS A 23 -22.85 1.47 18.90
CA LYS A 23 -22.38 0.35 19.68
C LYS A 23 -23.54 -0.51 20.17
N GLN A 24 -24.64 0.12 20.59
CA GLN A 24 -25.77 -0.66 21.07
C GLN A 24 -26.45 -1.42 19.93
N ASN A 25 -26.63 -0.76 18.78
CA ASN A 25 -27.18 -1.43 17.59
C ASN A 25 -26.34 -2.68 17.25
N LEU A 26 -25.02 -2.52 17.25
CA LEU A 26 -24.15 -3.65 17.02
C LEU A 26 -24.37 -4.74 18.08
N GLU A 27 -24.39 -4.35 19.36
CA GLU A 27 -24.56 -5.33 20.42
C GLU A 27 -25.86 -6.12 20.27
N LYS A 28 -26.90 -5.49 19.74
CA LYS A 28 -28.20 -6.11 19.59
C LYS A 28 -28.30 -6.93 18.32
N GLY A 29 -27.29 -6.84 17.44
CA GLY A 29 -27.34 -7.46 16.14
C GLY A 29 -28.09 -6.69 15.08
N LEU A 30 -28.55 -5.48 15.40
CA LEU A 30 -29.37 -4.68 14.48
C LEU A 30 -28.54 -3.90 13.46
N ALA A 31 -27.23 -3.76 13.66
CA ALA A 31 -26.34 -3.25 12.65
C ALA A 31 -25.14 -4.17 12.54
N THR A 32 -24.45 -4.12 11.40
CA THR A 32 -23.21 -4.85 11.31
C THR A 32 -22.12 -3.94 10.75
N PRO A 33 -20.86 -4.19 11.12
CA PRO A 33 -19.79 -3.27 10.75
C PRO A 33 -19.51 -3.28 9.25
N GLY A 34 -19.03 -2.14 8.77
CA GLY A 34 -18.47 -2.10 7.44
C GLY A 34 -17.16 -2.85 7.39
N LYS A 35 -16.67 -3.08 6.16
CA LYS A 35 -15.55 -3.99 5.94
C LYS A 35 -14.31 -3.56 6.73
N PHE A 36 -13.97 -2.27 6.68
CA PHE A 36 -12.73 -1.84 7.33
C PHE A 36 -12.83 -1.89 8.85
N PHE A 37 -13.94 -1.45 9.43
CA PHE A 37 -14.11 -1.62 10.87
C PHE A 37 -14.12 -3.11 11.25
N LEU A 38 -14.72 -3.94 10.41
CA LEU A 38 -14.74 -5.36 10.71
C LEU A 38 -13.32 -5.91 10.80
N GLU A 39 -12.44 -5.46 9.91
CA GLU A 39 -11.03 -5.90 9.96
C GLU A 39 -10.37 -5.51 11.28
N GLU A 40 -10.61 -4.29 11.77
CA GLU A 40 -9.99 -3.90 13.04
C GLU A 40 -10.55 -4.72 14.19
N LEU A 41 -11.86 -4.95 14.20
CA LEU A 41 -12.47 -5.79 15.24
C LEU A 41 -11.85 -7.17 15.26
N SER A 42 -11.60 -7.74 14.08
CA SER A 42 -11.17 -9.13 14.02
C SER A 42 -9.73 -9.31 14.46
N LYS A 43 -8.95 -8.24 14.56
CA LYS A 43 -7.58 -8.34 15.00
C LYS A 43 -7.42 -8.13 16.50
N GLN A 44 -8.50 -7.99 17.25
CA GLN A 44 -8.39 -7.96 18.70
C GLN A 44 -9.42 -8.94 19.25
N GLU A 45 -9.50 -9.02 20.58
CA GLU A 45 -10.14 -10.15 21.22
C GLU A 45 -11.48 -9.85 21.87
N LYS A 46 -11.83 -8.58 22.08
CA LYS A 46 -13.03 -8.28 22.84
C LYS A 46 -14.26 -8.30 21.95
N SER A 47 -15.37 -8.76 22.52
CA SER A 47 -16.64 -8.57 21.87
C SER A 47 -17.09 -7.11 22.04
N ILE A 48 -18.07 -6.71 21.24
CA ILE A 48 -18.51 -5.31 21.30
C ILE A 48 -18.96 -4.98 22.72
N SER A 49 -19.65 -5.92 23.35
CA SER A 49 -20.22 -5.68 24.65
C SER A 49 -19.14 -5.55 25.72
N GLU A 50 -18.08 -6.33 25.61
CA GLU A 50 -17.04 -6.30 26.66
C GLU A 50 -16.20 -5.04 26.54
N MET A 51 -16.29 -4.36 25.42
CA MET A 51 -15.40 -3.21 25.22
C MET A 51 -16.03 -1.92 25.74
N ASP A 52 -15.23 -1.12 26.43
CA ASP A 52 -15.67 0.23 26.89
C ASP A 52 -15.91 1.15 25.70
N ILE A 53 -16.56 2.28 25.94
CA ILE A 53 -16.95 3.19 24.86
C ILE A 53 -15.71 3.81 24.23
N THR A 54 -14.67 4.10 25.03
CA THR A 54 -13.42 4.63 24.49
C THR A 54 -12.76 3.61 23.56
N THR A 55 -12.62 2.37 24.02
CA THR A 55 -11.97 1.35 23.21
C THR A 55 -12.72 1.13 21.91
N PHE A 56 -14.06 1.13 21.98
CA PHE A 56 -14.85 0.94 20.77
C PHE A 56 -14.63 2.10 19.80
N THR A 57 -14.73 3.33 20.32
CA THR A 57 -14.48 4.51 19.51
C THR A 57 -13.10 4.46 18.84
N GLN A 58 -12.07 4.09 19.62
CA GLN A 58 -10.71 4.06 19.08
C GLN A 58 -10.59 3.05 17.94
N LEU A 59 -11.26 1.90 18.06
CA LEU A 59 -11.17 0.90 17.00
C LEU A 59 -11.84 1.39 15.73
N LEU A 60 -12.97 2.09 15.86
CA LEU A 60 -13.60 2.71 14.69
C LEU A 60 -12.66 3.73 14.07
N ILE A 61 -12.08 4.63 14.88
CA ILE A 61 -11.11 5.58 14.33
C ILE A 61 -9.94 4.83 13.70
N GLN A 62 -9.55 3.70 14.29
CA GLN A 62 -8.40 2.97 13.78
C GLN A 62 -8.65 2.38 12.39
N SER A 63 -9.91 2.20 12.00
CA SER A 63 -10.18 1.71 10.66
C SER A 63 -9.84 2.74 9.57
N LYS A 64 -9.48 3.97 9.94
CA LYS A 64 -9.04 4.91 8.93
C LYS A 64 -7.83 4.34 8.21
N LYS A 65 -7.64 4.76 6.98
CA LYS A 65 -6.46 4.34 6.25
C LYS A 65 -5.54 5.52 6.01
N PRO A 66 -4.23 5.30 5.82
CA PRO A 66 -3.34 6.45 5.61
C PRO A 66 -3.82 7.41 4.51
N GLN A 67 -4.15 6.94 3.31
CA GLN A 67 -4.75 7.85 2.33
C GLN A 67 -6.04 7.28 1.75
N VAL A 68 -7.07 8.13 1.72
CA VAL A 68 -8.38 7.85 1.17
C VAL A 68 -8.92 9.16 0.59
N PHE A 69 -9.55 9.07 -0.58
CA PHE A 69 -10.33 10.16 -1.16
C PHE A 69 -11.80 9.95 -0.80
N ALA A 70 -12.21 10.55 0.32
CA ALA A 70 -13.58 10.36 0.79
C ALA A 70 -14.61 10.82 -0.24
N GLU A 71 -14.24 11.74 -1.12
CA GLU A 71 -15.18 12.37 -2.04
C GLU A 71 -15.49 11.50 -3.24
N SER A 72 -14.66 10.51 -3.51
CA SER A 72 -14.79 9.76 -4.75
C SER A 72 -14.59 8.26 -4.59
N GLN A 73 -13.93 7.79 -3.56
CA GLN A 73 -13.42 6.43 -3.53
C GLN A 73 -14.30 5.49 -2.68
N VAL A 74 -15.34 6.00 -2.04
CA VAL A 74 -16.11 5.28 -1.03
C VAL A 74 -17.52 5.03 -1.54
N TYR A 75 -18.14 3.94 -1.04
CA TYR A 75 -19.48 3.54 -1.44
C TYR A 75 -20.53 3.72 -0.36
N HIS A 76 -20.14 4.05 0.87
CA HIS A 76 -21.10 4.38 1.94
C HIS A 76 -21.98 3.18 2.28
N ASP A 77 -21.44 1.98 2.13
CA ASP A 77 -22.14 0.77 2.50
C ASP A 77 -21.16 -0.17 3.20
N GLY A 78 -21.56 -1.41 3.35
CA GLY A 78 -20.74 -2.36 4.09
C GLY A 78 -19.43 -2.70 3.44
N THR A 79 -19.24 -2.37 2.16
CA THR A 79 -17.98 -2.76 1.55
C THR A 79 -16.83 -1.83 1.91
N ASP A 80 -17.09 -0.72 2.59
CA ASP A 80 -15.97 0.05 3.13
C ASP A 80 -16.31 0.64 4.49
N TRP A 81 -17.10 1.71 4.51
CA TRP A 81 -17.64 2.27 5.74
C TRP A 81 -19.14 2.51 5.55
N THR A 82 -19.95 2.16 6.54
CA THR A 82 -21.37 2.41 6.38
C THR A 82 -21.70 3.89 6.65
N LEU A 83 -22.92 4.29 6.30
CA LEU A 83 -23.35 5.66 6.60
C LEU A 83 -23.28 5.93 8.10
N GLU A 84 -23.64 4.95 8.93
CA GLU A 84 -23.61 5.17 10.37
C GLU A 84 -22.18 5.41 10.87
N GLU A 85 -21.21 4.65 10.34
CA GLU A 85 -19.80 4.88 10.68
C GLU A 85 -19.31 6.22 10.13
N GLU A 86 -19.67 6.51 8.88
CA GLU A 86 -19.31 7.77 8.24
C GLU A 86 -19.80 8.98 9.04
N SER A 87 -21.05 8.93 9.48
CA SER A 87 -21.58 10.04 10.27
C SER A 87 -20.73 10.33 11.50
N ILE A 88 -20.17 9.27 12.10
CA ILE A 88 -19.31 9.44 13.28
C ILE A 88 -17.91 9.91 12.88
N LEU A 89 -17.30 9.23 11.90
CA LEU A 89 -15.90 9.52 11.57
C LEU A 89 -15.70 10.95 11.07
N GLY A 90 -16.69 11.48 10.35
CA GLY A 90 -16.59 12.87 9.90
C GLY A 90 -16.57 13.87 11.03
N ASP A 91 -17.02 13.48 12.21
CA ASP A 91 -17.08 14.39 13.35
C ASP A 91 -15.82 14.35 14.18
N VAL A 92 -14.95 13.37 13.95
CA VAL A 92 -13.76 13.17 14.77
C VAL A 92 -12.66 14.11 14.30
N SER A 93 -12.07 14.86 15.23
CA SER A 93 -10.92 15.70 14.94
C SER A 93 -9.72 15.21 15.74
N VAL A 94 -8.53 15.66 15.34
CA VAL A 94 -7.29 15.31 16.05
C VAL A 94 -6.37 16.52 16.05
N ASN A 95 -5.78 16.82 17.20
CA ASN A 95 -4.75 17.84 17.31
C ASN A 95 -3.44 17.21 17.73
N MET A 96 -2.35 17.93 17.48
CA MET A 96 -1.01 17.50 17.88
C MET A 96 -0.15 18.75 17.91
N PRO A 97 0.85 18.82 18.79
CA PRO A 97 1.87 19.86 18.65
C PRO A 97 2.74 19.53 17.47
N VAL A 98 3.20 20.57 16.77
CA VAL A 98 4.06 20.37 15.60
C VAL A 98 5.17 21.39 15.57
N THR A 99 6.22 21.04 14.83
CA THR A 99 7.17 22.02 14.32
C THR A 99 6.75 22.40 12.91
N MET A 100 6.73 23.70 12.63
CA MET A 100 6.34 24.21 11.33
C MET A 100 7.59 24.65 10.60
N TYR A 101 7.95 23.94 9.53
CA TYR A 101 9.19 24.25 8.82
C TYR A 101 9.04 25.33 7.75
N ASN A 102 7.83 25.56 7.24
CA ASN A 102 7.64 26.64 6.28
C ASN A 102 6.25 27.21 6.51
N ASP A 103 5.89 28.22 5.73
CA ASP A 103 4.65 28.96 5.95
C ASP A 103 3.41 28.23 5.45
N GLY A 104 3.56 27.08 4.81
CA GLY A 104 2.42 26.32 4.31
C GLY A 104 2.09 26.56 2.86
N GLY A 105 2.91 27.34 2.14
CA GLY A 105 2.63 27.65 0.75
C GLY A 105 2.55 26.44 -0.15
N HIS A 106 1.52 26.38 -0.98
CA HIS A 106 1.31 25.21 -1.81
C HIS A 106 2.35 25.16 -2.93
N GLY A 107 2.60 23.94 -3.41
CA GLY A 107 3.53 23.76 -4.52
C GLY A 107 4.88 24.34 -4.20
N SER A 108 5.36 25.21 -5.07
CA SER A 108 6.70 25.77 -5.00
C SER A 108 6.75 27.10 -4.24
N SER A 109 5.61 27.63 -3.82
CA SER A 109 5.53 28.98 -3.26
C SER A 109 5.88 29.04 -1.77
N PHE A 110 6.20 27.91 -1.13
CA PHE A 110 6.38 27.92 0.32
C PHE A 110 7.61 28.75 0.72
N LYS A 111 7.55 29.33 1.91
CA LYS A 111 8.68 30.09 2.46
C LYS A 111 9.13 29.39 3.73
N ASN A 112 10.37 28.91 3.73
CA ASN A 112 10.93 28.27 4.91
C ASN A 112 11.03 29.26 6.06
N HIS A 113 10.73 28.80 7.26
CA HIS A 113 10.96 29.61 8.43
C HIS A 113 12.45 29.53 8.76
N PRO A 114 13.18 30.64 8.81
CA PRO A 114 14.58 30.57 9.23
C PRO A 114 14.73 29.77 10.52
N LYS A 115 13.94 30.10 11.55
CA LYS A 115 13.82 29.24 12.73
C LYS A 115 12.47 28.54 12.70
N PRO A 116 12.41 27.21 12.58
CA PRO A 116 11.10 26.54 12.51
C PRO A 116 10.21 26.93 13.69
N ILE A 117 8.98 27.23 13.38
CA ILE A 117 8.02 27.67 14.37
C ILE A 117 7.48 26.46 15.13
N SER A 118 7.22 26.62 16.41
CA SER A 118 6.51 25.57 17.14
C SER A 118 5.06 25.99 17.34
N GLY A 119 4.14 25.09 17.07
CA GLY A 119 2.72 25.38 17.14
C GLY A 119 1.93 24.10 17.16
N TYR A 120 0.69 24.15 16.70
CA TYR A 120 -0.24 23.03 16.77
C TYR A 120 -1.08 22.97 15.51
N LEU A 121 -1.49 21.76 15.14
CA LEU A 121 -2.48 21.49 14.11
C LEU A 121 -3.74 20.89 14.73
N ALA A 122 -4.90 21.28 14.22
CA ALA A 122 -6.16 20.61 14.56
C ALA A 122 -6.79 20.16 13.25
N TYR A 123 -6.66 18.87 12.95
CA TYR A 123 -7.26 18.27 11.76
C TYR A 123 -8.76 18.09 11.98
N VAL A 124 -9.57 18.66 11.09
CA VAL A 124 -11.04 18.58 11.21
C VAL A 124 -11.61 18.30 9.82
N PRO A 125 -12.42 17.26 9.62
CA PRO A 125 -12.97 17.04 8.28
C PRO A 125 -14.15 17.97 7.95
N GLY A 126 -14.18 18.47 6.72
CA GLY A 126 -15.26 19.33 6.31
C GLY A 126 -16.52 18.54 5.92
N ALA A 127 -17.58 19.29 5.61
CA ALA A 127 -18.82 18.67 5.17
C ALA A 127 -18.59 17.94 3.86
N LEU A 128 -18.88 16.64 3.86
CA LEU A 128 -18.67 15.80 2.69
C LEU A 128 -19.91 15.90 1.82
N LEU A 129 -19.86 16.75 0.80
CA LEU A 129 -20.97 16.99 -0.10
C LEU A 129 -20.64 16.53 -1.52
N ALA A 130 -19.71 15.59 -1.65
CA ALA A 130 -19.40 14.98 -2.93
C ALA A 130 -19.33 13.47 -2.74
N SER A 131 -19.60 12.74 -3.83
CA SER A 131 -19.61 11.28 -3.75
C SER A 131 -19.52 10.69 -5.14
N GLY A 132 -18.74 9.62 -5.27
CA GLY A 132 -18.66 8.82 -6.49
C GLY A 132 -19.75 7.78 -6.65
N SER A 133 -20.66 7.69 -5.68
CA SER A 133 -21.72 6.71 -5.65
C SER A 133 -22.96 7.39 -5.08
N GLY A 134 -23.57 6.83 -4.04
CA GLY A 134 -24.78 7.40 -3.50
C GLY A 134 -24.55 8.57 -2.55
N PRO A 135 -25.61 9.07 -1.94
CA PRO A 135 -25.47 10.26 -1.08
C PRO A 135 -24.65 9.96 0.17
N THR A 136 -23.94 10.99 0.65
CA THR A 136 -23.15 10.86 1.86
C THR A 136 -24.00 11.12 3.09
N SER A 137 -23.44 10.83 4.27
CA SER A 137 -24.16 11.14 5.50
C SER A 137 -24.36 12.65 5.63
N ASP A 138 -23.33 13.45 5.31
CA ASP A 138 -23.43 14.90 5.46
C ASP A 138 -24.41 15.51 4.45
N MET A 139 -24.48 14.97 3.22
CA MET A 139 -25.51 15.41 2.29
C MET A 139 -26.89 15.23 2.91
N LYS A 140 -27.16 14.04 3.43
CA LYS A 140 -28.44 13.78 4.09
C LYS A 140 -28.64 14.72 5.27
N GLU A 141 -27.56 15.15 5.94
CA GLU A 141 -27.69 16.04 7.08
C GLU A 141 -28.02 17.48 6.70
N VAL A 142 -27.27 18.09 5.77
CA VAL A 142 -27.31 19.53 5.61
C VAL A 142 -27.99 19.98 4.31
N LEU A 143 -28.46 19.06 3.49
CA LEU A 143 -29.15 19.42 2.26
C LEU A 143 -30.65 19.15 2.40
N ASP A 144 -31.46 20.14 2.04
CA ASP A 144 -32.90 20.04 1.98
C ASP A 144 -33.25 19.97 0.49
N ASN A 145 -33.51 18.75 0.01
CA ASN A 145 -33.83 18.51 -1.41
C ASN A 145 -32.81 19.18 -2.33
N GLY A 146 -31.54 18.96 -2.04
CA GLY A 146 -30.47 19.47 -2.87
C GLY A 146 -30.08 20.92 -2.62
N LYS A 147 -30.69 21.61 -1.68
CA LYS A 147 -30.36 22.99 -1.37
C LYS A 147 -29.67 23.06 -0.02
N LEU A 148 -28.55 23.78 0.03
CA LEU A 148 -27.80 23.97 1.27
C LEU A 148 -28.65 24.66 2.33
N ASN A 149 -28.62 24.11 3.55
CA ASN A 149 -29.28 24.72 4.70
C ASN A 149 -28.21 25.30 5.61
N GLN A 150 -28.22 26.63 5.77
CA GLN A 150 -27.18 27.31 6.53
C GLN A 150 -27.18 26.91 8.00
N ASP A 151 -28.36 26.84 8.63
CA ASP A 151 -28.41 26.44 10.03
C ASP A 151 -27.89 25.02 10.22
N LYS A 152 -28.24 24.12 9.32
CA LYS A 152 -27.80 22.75 9.46
C LYS A 152 -26.30 22.63 9.25
N LEU A 153 -25.77 23.33 8.24
CA LEU A 153 -24.31 23.41 8.09
C LEU A 153 -23.67 24.02 9.33
N ASN A 154 -24.26 25.08 9.87
CA ASN A 154 -23.74 25.68 11.09
C ASN A 154 -23.60 24.65 12.21
N ALA A 155 -24.62 23.80 12.38
CA ALA A 155 -24.61 22.85 13.48
C ALA A 155 -23.56 21.77 13.26
N LEU A 156 -23.36 21.38 12.00
CA LEU A 156 -22.31 20.42 11.66
C LEU A 156 -20.94 20.95 12.07
N TYR A 157 -20.61 22.17 11.62
CA TYR A 157 -19.27 22.68 11.91
C TYR A 157 -19.10 22.99 13.39
N GLU A 158 -20.17 23.43 14.05
CA GLU A 158 -20.11 23.66 15.48
C GLU A 158 -19.76 22.37 16.20
N ARG A 159 -20.43 21.27 15.81
CA ARG A 159 -20.15 19.95 16.36
C ARG A 159 -18.67 19.59 16.18
N ARG A 160 -18.10 19.90 15.03
CA ARG A 160 -16.76 19.40 14.69
C ARG A 160 -15.63 20.34 15.12
N LEU A 161 -15.87 21.64 15.18
CA LEU A 161 -14.82 22.59 15.53
C LEU A 161 -14.78 22.95 17.01
N LEU A 162 -15.95 23.10 17.65
CA LEU A 162 -15.98 23.57 19.04
C LEU A 162 -15.08 22.78 20.00
N PRO A 163 -15.04 21.44 19.97
CA PRO A 163 -14.14 20.73 20.90
C PRO A 163 -12.69 21.15 20.74
N GLN A 164 -12.25 21.49 19.52
CA GLN A 164 -10.87 21.94 19.35
C GLN A 164 -10.69 23.38 19.85
N LEU A 165 -11.69 24.23 19.65
CA LEU A 165 -11.56 25.60 20.20
C LEU A 165 -11.49 25.58 21.72
N ILE A 166 -12.36 24.78 22.36
CA ILE A 166 -12.32 24.61 23.81
C ILE A 166 -10.94 24.15 24.25
N HIS A 167 -10.39 23.14 23.57
CA HIS A 167 -9.06 22.63 23.91
C HIS A 167 -8.00 23.73 23.86
N PHE A 168 -7.98 24.50 22.77
CA PHE A 168 -6.88 25.45 22.60
C PHE A 168 -7.12 26.72 23.40
N ASN A 169 -8.38 27.08 23.66
CA ASN A 169 -8.65 28.12 24.63
C ASN A 169 -7.99 27.78 25.96
N GLU A 170 -8.19 26.54 26.40
CA GLU A 170 -7.60 26.07 27.65
C GLU A 170 -6.09 26.03 27.57
N LEU A 171 -5.56 25.51 26.45
CA LEU A 171 -4.11 25.39 26.30
C LEU A 171 -3.44 26.76 26.31
N ALA A 172 -4.06 27.75 25.66
CA ALA A 172 -3.51 29.11 25.74
C ALA A 172 -3.47 29.59 27.18
N ARG A 173 -4.56 29.39 27.94
CA ARG A 173 -4.58 29.80 29.34
C ARG A 173 -3.44 29.14 30.12
N GLN A 174 -3.22 27.85 29.92
CA GLN A 174 -2.14 27.16 30.61
C GLN A 174 -0.77 27.72 30.25
N ASN A 175 -0.56 28.14 29.01
CA ASN A 175 0.70 28.75 28.63
C ASN A 175 0.72 30.25 28.87
N GLU A 176 -0.31 30.79 29.52
CA GLU A 176 -0.39 32.22 29.80
C GLU A 176 -0.23 33.03 28.53
N LYS A 177 -0.91 32.61 27.48
CA LYS A 177 -0.88 33.32 26.21
C LYS A 177 -2.29 33.37 25.65
N GLN A 178 -2.43 34.00 24.48
CA GLN A 178 -3.66 33.89 23.72
C GLN A 178 -3.46 32.97 22.53
N ALA A 179 -4.55 32.60 21.88
CA ALA A 179 -4.49 31.75 20.71
C ALA A 179 -4.70 32.58 19.44
N ALA A 180 -3.84 32.32 18.45
CA ALA A 180 -4.01 32.79 17.08
C ALA A 180 -4.30 31.56 16.23
N ILE A 181 -5.44 31.55 15.55
CA ILE A 181 -5.87 30.36 14.82
C ILE A 181 -6.05 30.72 13.35
N THR A 182 -5.42 29.93 12.47
CA THR A 182 -5.59 30.06 11.04
C THR A 182 -6.50 28.96 10.52
N ILE A 183 -7.39 29.32 9.60
CA ILE A 183 -8.38 28.40 9.04
C ILE A 183 -8.34 28.52 7.53
N PRO A 184 -8.27 27.41 6.81
CA PRO A 184 -8.38 27.46 5.36
C PRO A 184 -9.82 27.35 4.91
N GLY A 185 -10.05 27.16 3.61
CA GLY A 185 -11.39 27.05 3.07
C GLY A 185 -11.90 25.64 3.23
N ILE A 186 -11.99 25.20 4.49
CA ILE A 186 -12.45 23.85 4.80
C ILE A 186 -13.78 23.55 4.10
N GLY A 187 -13.84 22.41 3.42
CA GLY A 187 -15.05 21.98 2.76
C GLY A 187 -15.40 22.70 1.48
N THR A 188 -14.61 23.69 1.06
CA THR A 188 -14.87 24.42 -0.17
C THR A 188 -14.13 23.84 -1.37
N GLY A 189 -13.21 22.91 -1.16
CA GLY A 189 -12.57 22.22 -2.26
C GLY A 189 -13.34 21.03 -2.80
N CYS A 190 -12.66 19.89 -2.88
CA CYS A 190 -13.26 18.69 -3.46
C CYS A 190 -14.51 18.24 -2.69
N PHE A 191 -14.54 18.46 -1.37
CA PHE A 191 -15.70 18.02 -0.58
C PHE A 191 -16.98 18.75 -0.94
N SER A 192 -16.89 19.93 -1.54
CA SER A 192 -18.10 20.68 -1.83
C SER A 192 -18.84 20.14 -3.03
N GLY A 193 -18.22 19.26 -3.80
CA GLY A 193 -18.81 18.68 -4.99
C GLY A 193 -19.56 19.69 -5.84
N ALA A 194 -20.86 19.43 -6.04
CA ALA A 194 -21.67 20.27 -6.91
C ALA A 194 -21.86 21.67 -6.34
N TYR A 195 -21.66 21.85 -5.04
CA TYR A 195 -21.93 23.12 -4.39
C TYR A 195 -20.72 24.04 -4.42
N TYR A 196 -19.73 23.74 -5.28
CA TYR A 196 -18.48 24.48 -5.28
C TYR A 196 -18.73 25.99 -5.36
N ASP A 197 -19.53 26.42 -6.32
CA ASP A 197 -19.71 27.84 -6.59
C ASP A 197 -20.54 28.56 -5.53
N VAL A 198 -21.09 27.90 -4.53
CA VAL A 198 -21.98 28.60 -3.60
C VAL A 198 -21.54 28.40 -2.15
N ILE A 199 -20.61 27.47 -1.91
CA ILE A 199 -20.33 27.00 -0.55
C ILE A 199 -19.56 28.04 0.29
N LYS A 200 -18.71 28.85 -0.34
CA LYS A 200 -17.80 29.69 0.44
C LYS A 200 -18.51 30.63 1.42
N PRO A 201 -19.53 31.40 1.04
CA PRO A 201 -20.18 32.23 2.06
C PRO A 201 -20.86 31.42 3.16
N TYR A 202 -21.27 30.18 2.87
CA TYR A 202 -21.85 29.32 3.88
C TYR A 202 -20.82 28.92 4.93
N VAL A 203 -19.60 28.56 4.50
CA VAL A 203 -18.57 28.18 5.45
C VAL A 203 -18.15 29.37 6.30
N ARG A 204 -17.93 30.52 5.66
CA ARG A 204 -17.60 31.73 6.40
C ARG A 204 -18.67 32.04 7.43
N ASN A 205 -19.94 32.02 7.02
CA ASN A 205 -21.04 32.26 7.94
C ASN A 205 -21.02 31.27 9.10
N ALA A 206 -20.66 30.03 8.83
CA ALA A 206 -20.63 29.02 9.89
C ALA A 206 -19.55 29.33 10.92
N LEU A 207 -18.34 29.69 10.46
CA LEU A 207 -17.28 30.06 11.40
C LEU A 207 -17.72 31.23 12.28
N ILE A 208 -18.25 32.28 11.67
CA ILE A 208 -18.69 33.45 12.43
C ILE A 208 -19.73 33.04 13.46
N HIS A 209 -20.70 32.24 13.05
CA HIS A 209 -21.79 31.85 13.94
C HIS A 209 -21.26 31.07 15.14
N ILE A 210 -20.27 30.21 14.93
CA ILE A 210 -19.72 29.42 16.02
C ILE A 210 -19.02 30.33 17.01
N LEU A 211 -18.15 31.22 16.51
CA LEU A 211 -17.41 32.10 17.41
C LEU A 211 -18.35 33.02 18.15
N GLU A 212 -19.39 33.49 17.46
CA GLU A 212 -20.37 34.38 18.08
C GLU A 212 -21.15 33.65 19.16
N LYS A 213 -21.65 32.46 18.86
CA LYS A 213 -22.46 31.71 19.82
C LYS A 213 -21.69 31.41 21.10
N HIS A 214 -20.40 31.08 20.97
CA HIS A 214 -19.59 30.59 22.09
C HIS A 214 -18.53 31.59 22.56
N LYS A 215 -18.67 32.88 22.21
CA LYS A 215 -17.64 33.84 22.58
C LYS A 215 -17.33 33.79 24.07
N ASP A 216 -18.34 33.56 24.91
CA ASP A 216 -18.11 33.59 26.35
C ASP A 216 -17.17 32.48 26.80
N SER A 217 -17.14 31.37 26.10
CA SER A 217 -16.29 30.25 26.49
C SER A 217 -14.92 30.28 25.84
N LEU A 218 -14.60 31.30 25.04
CA LEU A 218 -13.31 31.35 24.37
C LEU A 218 -12.50 32.58 24.73
N PRO A 219 -12.38 32.95 26.02
CA PRO A 219 -11.71 34.21 26.34
C PRO A 219 -10.25 34.25 25.98
N TYR A 220 -9.60 33.10 25.83
CA TYR A 220 -8.18 33.10 25.49
C TYR A 220 -7.93 33.01 23.99
N ILE A 221 -8.96 32.88 23.19
CA ILE A 221 -8.82 32.96 21.75
C ILE A 221 -8.82 34.44 21.34
N ASP A 222 -7.83 34.84 20.54
CA ASP A 222 -7.61 36.25 20.21
C ASP A 222 -7.85 36.55 18.73
N ILE A 223 -7.22 35.79 17.83
CA ILE A 223 -7.21 36.11 16.40
C ILE A 223 -7.63 34.85 15.65
N ILE A 224 -8.61 35.00 14.75
CA ILE A 224 -8.99 33.94 13.81
C ILE A 224 -8.69 34.45 12.41
N HIS A 225 -7.79 33.76 11.71
CA HIS A 225 -7.30 34.18 10.39
C HIS A 225 -7.83 33.17 9.37
N TYR A 226 -8.88 33.55 8.67
CA TYR A 226 -9.60 32.68 7.73
C TYR A 226 -9.21 33.01 6.30
N ASP A 227 -8.72 32.02 5.57
CA ASP A 227 -8.15 32.23 4.24
C ASP A 227 -8.70 31.19 3.28
N PRO A 228 -9.86 31.47 2.65
CA PRO A 228 -10.41 30.54 1.65
C PRO A 228 -9.80 30.70 0.26
N TYR A 229 -8.70 31.46 0.16
CA TYR A 229 -7.92 31.71 -1.06
C TYR A 229 -8.63 32.61 -2.07
N MET A 230 -9.82 32.23 -2.52
CA MET A 230 -10.60 32.97 -3.50
C MET A 230 -12.03 33.12 -3.00
N GLY A 231 -12.81 33.96 -3.70
CA GLY A 231 -14.25 33.93 -3.60
C GLY A 231 -14.84 34.44 -2.29
N ASP A 232 -14.17 35.38 -1.64
CA ASP A 232 -14.73 36.03 -0.47
C ASP A 232 -14.07 37.40 -0.40
N GLU A 233 -14.74 38.32 0.22
CA GLU A 233 -14.17 39.66 0.28
C GLU A 233 -13.32 39.83 1.55
N PRO A 234 -12.29 40.66 1.49
CA PRO A 234 -11.48 40.88 2.70
C PRO A 234 -12.28 41.61 3.76
N ALA A 235 -12.06 41.23 5.02
CA ALA A 235 -12.88 41.76 6.10
C ALA A 235 -12.23 41.45 7.44
N GLU A 236 -12.52 42.29 8.43
CA GLU A 236 -12.29 41.94 9.81
C GLU A 236 -13.59 42.15 10.56
N LYS A 237 -13.96 41.18 11.39
CA LYS A 237 -15.14 41.28 12.24
C LYS A 237 -14.71 41.17 13.69
N LYS A 238 -15.25 42.03 14.53
CA LYS A 238 -15.10 41.88 15.97
C LYS A 238 -16.20 40.94 16.46
N ILE A 239 -15.80 39.79 16.98
CA ILE A 239 -16.73 38.84 17.58
C ILE A 239 -16.41 38.81 19.06
N GLY A 240 -17.16 39.58 19.84
CA GLY A 240 -16.80 39.76 21.23
C GLY A 240 -15.43 40.38 21.32
N HIS A 241 -14.53 39.70 22.04
CA HIS A 241 -13.16 40.12 22.23
C HIS A 241 -12.24 39.64 21.10
N MET A 242 -12.76 38.82 20.19
CA MET A 242 -11.96 38.19 19.17
C MET A 242 -11.96 39.02 17.89
N SER A 243 -10.88 38.89 17.13
CA SER A 243 -10.76 39.53 15.82
C SER A 243 -10.80 38.44 14.75
N PHE A 244 -11.91 38.38 14.00
CA PHE A 244 -12.11 37.42 12.91
C PHE A 244 -11.75 38.09 11.61
N ARG A 245 -10.78 37.52 10.89
CA ARG A 245 -10.29 38.12 9.66
C ARG A 245 -10.60 37.20 8.48
N VAL A 246 -11.11 37.79 7.40
CA VAL A 246 -11.23 37.08 6.12
C VAL A 246 -10.17 37.67 5.21
N SER A 247 -9.21 36.86 4.82
CA SER A 247 -8.09 37.33 4.00
C SER A 247 -7.76 36.25 2.98
N PRO A 248 -8.53 36.18 1.89
CA PRO A 248 -8.25 35.17 0.87
C PRO A 248 -6.99 35.56 0.11
N SER A 249 -6.03 34.61 0.05
CA SER A 249 -4.68 34.92 -0.40
C SER A 249 -4.64 35.35 -1.85
N GLY A 250 -5.49 34.79 -2.70
CA GLY A 250 -5.55 35.26 -4.08
C GLY A 250 -6.19 36.62 -4.24
N VAL A 251 -6.86 37.13 -3.22
CA VAL A 251 -7.52 38.43 -3.28
C VAL A 251 -6.69 39.50 -2.59
N VAL A 252 -6.08 39.18 -1.45
CA VAL A 252 -5.36 40.13 -0.61
C VAL A 252 -3.88 39.81 -0.70
N ARG A 253 -3.14 40.64 -1.42
CA ARG A 253 -1.72 40.43 -1.59
C ARG A 253 -0.99 40.52 -0.25
N GLY A 254 -0.03 39.63 -0.05
CA GLY A 254 0.77 39.65 1.16
C GLY A 254 0.13 38.98 2.36
N THR A 255 -0.95 38.25 2.16
CA THR A 255 -1.63 37.57 3.27
C THR A 255 -0.67 36.59 3.94
N THR A 256 -0.71 36.55 5.27
CA THR A 256 0.20 35.68 5.99
C THR A 256 -0.23 34.23 5.77
N GLY A 257 0.76 33.34 5.71
CA GLY A 257 0.48 31.94 5.45
C GLY A 257 -0.24 31.26 6.60
N GLN A 258 -0.82 30.12 6.28
CA GLN A 258 -1.50 29.32 7.29
C GLN A 258 -0.57 28.89 8.43
N LEU A 259 0.70 28.62 8.13
CA LEU A 259 1.68 28.21 9.13
C LEU A 259 2.59 29.36 9.53
N ASP A 260 1.97 30.47 9.90
CA ASP A 260 2.73 31.64 10.32
C ASP A 260 1.79 32.49 11.16
N TYR A 261 2.39 33.33 11.98
CA TYR A 261 1.63 34.15 12.89
C TYR A 261 0.84 35.21 12.12
N PRO A 262 -0.48 35.29 12.28
CA PRO A 262 -1.21 36.41 11.69
C PRO A 262 -0.77 37.74 12.29
N LEU A 263 -1.06 38.81 11.56
CA LEU A 263 -0.74 40.16 12.00
C LEU A 263 -1.34 40.44 13.38
N GLY A 264 -0.51 40.93 14.29
CA GLY A 264 -0.93 41.13 15.66
C GLY A 264 -0.61 40.00 16.63
N SER A 265 0.03 38.93 16.18
CA SER A 265 0.43 37.83 17.04
C SER A 265 1.91 37.53 16.83
N ASN A 266 2.52 36.89 17.82
CA ASN A 266 3.92 36.50 17.77
C ASN A 266 4.13 35.42 18.83
N PRO A 267 5.27 34.71 18.79
CA PRO A 267 5.40 33.53 19.68
C PRO A 267 5.42 33.90 21.15
N ASP A 268 5.84 35.12 21.50
CA ASP A 268 5.84 35.51 22.90
C ASP A 268 4.43 35.73 23.44
N THR A 269 3.50 36.21 22.61
CA THR A 269 2.15 36.49 23.09
C THR A 269 1.12 35.42 22.72
N HIS A 270 1.37 34.61 21.70
CA HIS A 270 0.33 33.70 21.21
C HIS A 270 0.88 32.31 20.97
N ILE A 271 0.05 31.33 21.17
CA ILE A 271 0.28 30.03 20.56
C ILE A 271 -0.38 30.07 19.18
N LEU A 272 0.25 29.39 18.21
CA LEU A 272 -0.19 29.35 16.83
C LEU A 272 -0.84 27.99 16.55
N VAL A 273 -2.10 28.02 16.14
CA VAL A 273 -2.86 26.82 15.78
C VAL A 273 -3.34 26.97 14.35
N SER A 274 -3.15 25.93 13.54
CA SER A 274 -3.77 25.90 12.22
C SER A 274 -4.78 24.77 12.13
N ILE A 275 -6.00 25.11 11.70
CA ILE A 275 -6.97 24.07 11.36
C ILE A 275 -6.58 23.46 10.02
N VAL A 276 -6.67 22.12 9.94
CA VAL A 276 -6.38 21.41 8.70
C VAL A 276 -7.65 20.76 8.18
N ALA A 277 -7.94 20.98 6.90
CA ALA A 277 -9.10 20.36 6.29
C ALA A 277 -8.82 18.87 6.09
N TRP A 278 -9.44 18.05 6.93
CA TRP A 278 -9.12 16.64 7.04
C TRP A 278 -10.10 15.81 6.20
N ASP A 279 -10.23 14.53 6.50
CA ASP A 279 -10.96 13.60 5.66
C ASP A 279 -11.48 12.50 6.58
N HIS A 280 -12.80 12.27 6.53
CA HIS A 280 -13.53 11.25 7.30
C HIS A 280 -12.73 9.97 7.52
N PHE A 281 -12.06 9.50 6.45
CA PHE A 281 -11.56 8.13 6.42
C PHE A 281 -10.04 8.02 6.42
N SER A 282 -9.29 9.13 6.45
CA SER A 282 -7.85 8.99 6.34
C SER A 282 -7.16 9.34 7.66
N TRP A 283 -5.87 9.02 7.72
CA TRP A 283 -5.01 9.50 8.78
C TRP A 283 -4.70 10.99 8.55
N PRO A 284 -4.27 11.73 9.57
CA PRO A 284 -3.91 13.13 9.35
C PRO A 284 -2.79 13.23 8.34
N GLY A 285 -2.95 14.12 7.38
CA GLY A 285 -2.01 14.28 6.30
C GLY A 285 -2.41 13.60 5.01
N ASN A 286 -3.33 12.61 5.09
CA ASN A 286 -3.94 11.91 3.95
C ASN A 286 -2.96 11.63 2.80
N ASP A 287 -3.08 12.37 1.72
CA ASP A 287 -2.31 12.01 0.53
C ASP A 287 -0.80 12.29 0.64
N TYR A 288 -0.33 13.01 1.67
CA TYR A 288 1.12 13.06 1.85
C TYR A 288 1.70 11.74 2.36
N TRP A 289 0.87 10.84 2.91
CA TRP A 289 1.35 9.49 3.21
C TRP A 289 1.83 8.76 1.95
N GLY A 290 1.27 9.09 0.78
CA GLY A 290 1.79 8.62 -0.48
C GLY A 290 2.80 9.55 -1.13
N GLY A 291 3.23 10.60 -0.44
CA GLY A 291 4.20 11.52 -1.00
C GLY A 291 3.64 12.66 -1.82
N ALA A 292 2.31 12.78 -1.93
CA ALA A 292 1.69 13.88 -2.65
C ALA A 292 1.47 15.07 -1.72
N ARG A 293 1.51 16.26 -2.31
CA ARG A 293 1.59 17.50 -1.54
C ARG A 293 0.66 18.50 -2.21
N GLN A 294 -0.62 18.23 -2.10
CA GLN A 294 -1.58 18.64 -3.10
C GLN A 294 -2.80 19.35 -2.53
N THR A 295 -3.27 18.93 -1.36
CA THR A 295 -4.38 19.55 -0.66
C THR A 295 -3.87 20.28 0.59
N ASP A 296 -4.78 21.03 1.22
CA ASP A 296 -4.47 21.63 2.52
C ASP A 296 -3.99 20.55 3.49
N ASP A 297 -4.67 19.41 3.49
CA ASP A 297 -4.28 18.27 4.33
C ASP A 297 -2.85 17.83 4.06
N GLY A 298 -2.53 17.54 2.79
CA GLY A 298 -1.19 17.03 2.48
C GLY A 298 -0.09 18.08 2.61
N VAL A 299 -0.37 19.33 2.23
CA VAL A 299 0.67 20.35 2.28
C VAL A 299 1.08 20.62 3.73
N LYS A 300 0.10 20.77 4.62
CA LYS A 300 0.43 21.09 6.01
C LYS A 300 1.13 19.92 6.70
N ALA A 301 0.75 18.69 6.38
CA ALA A 301 1.46 17.54 6.93
C ALA A 301 2.90 17.50 6.44
N ALA A 302 3.11 17.76 5.14
CA ALA A 302 4.47 17.79 4.59
C ALA A 302 5.30 18.91 5.17
N SER A 303 4.66 20.00 5.60
CA SER A 303 5.38 21.18 6.08
C SER A 303 5.62 21.16 7.58
N THR A 304 5.15 20.13 8.27
CA THR A 304 5.27 20.00 9.71
C THR A 304 5.89 18.63 10.00
N ASP A 305 6.12 18.36 11.28
CA ASP A 305 6.50 17.00 11.68
C ASP A 305 5.27 16.13 11.97
N THR A 306 4.13 16.39 11.28
CA THR A 306 2.96 15.54 11.50
C THR A 306 3.30 14.08 11.42
N MET A 307 4.06 13.69 10.44
CA MET A 307 4.33 12.25 10.23
C MET A 307 5.16 11.69 11.38
N GLY A 308 6.06 12.47 11.94
CA GLY A 308 6.74 12.02 13.13
C GLY A 308 5.84 11.95 14.35
N GLN A 309 4.89 12.88 14.48
CA GLN A 309 3.96 12.78 15.59
C GLN A 309 3.10 11.52 15.49
N VAL A 310 2.74 11.13 14.27
CA VAL A 310 1.84 9.97 14.11
C VAL A 310 2.60 8.65 14.22
N THR A 311 3.79 8.57 13.63
CA THR A 311 4.57 7.34 13.64
C THR A 311 5.54 7.23 14.81
N GLY A 312 5.83 8.32 15.50
CA GLY A 312 6.92 8.30 16.46
C GLY A 312 8.32 8.38 15.85
N ALA A 313 8.47 8.26 14.53
CA ALA A 313 9.78 8.35 13.92
C ALA A 313 10.28 9.80 13.90
N THR A 314 11.59 9.95 13.72
CA THR A 314 12.22 11.26 13.58
C THR A 314 12.54 11.44 12.10
N GLY A 315 11.72 12.23 11.42
CA GLY A 315 11.98 12.55 10.03
C GLY A 315 13.00 13.66 9.88
N VAL A 316 13.26 14.02 8.63
CA VAL A 316 14.19 15.09 8.29
C VAL A 316 13.49 16.05 7.33
N TYR A 317 13.47 17.33 7.67
CA TYR A 317 12.87 18.34 6.81
C TYR A 317 13.82 18.64 5.64
N ASP A 318 13.32 18.46 4.42
CA ASP A 318 14.04 18.85 3.21
C ASP A 318 13.73 20.31 2.90
N LYS A 319 14.69 21.21 3.15
CA LYS A 319 14.46 22.61 2.88
C LYS A 319 14.23 22.89 1.41
N LYS A 320 14.88 22.13 0.52
CA LYS A 320 14.77 22.45 -0.90
C LYS A 320 13.38 22.15 -1.47
N TRP A 321 12.71 21.09 -0.99
CA TRP A 321 11.42 20.74 -1.55
C TRP A 321 10.26 20.93 -0.60
N GLY A 322 10.50 21.40 0.62
CA GLY A 322 9.43 21.67 1.55
C GLY A 322 8.71 20.45 2.06
N ARG A 323 9.44 19.34 2.25
CA ARG A 323 8.88 18.06 2.69
C ARG A 323 9.61 17.53 3.90
N TYR A 324 8.84 17.09 4.89
CA TYR A 324 9.38 16.35 6.02
C TYR A 324 9.51 14.89 5.61
N MET A 325 10.77 14.39 5.47
CA MET A 325 11.03 13.09 4.87
C MET A 325 11.11 12.01 5.94
N PRO A 326 10.92 10.74 5.59
CA PRO A 326 11.12 9.66 6.57
C PRO A 326 12.56 9.63 7.04
N PRO A 327 12.89 8.85 8.07
CA PRO A 327 14.30 8.79 8.51
C PRO A 327 15.21 8.33 7.38
N GLU A 328 16.42 8.90 7.35
CA GLU A 328 17.33 8.67 6.21
C GLU A 328 17.77 7.22 6.13
N SER A 329 17.94 6.57 7.28
CA SER A 329 18.17 5.13 7.30
C SER A 329 17.07 4.37 6.57
N PHE A 330 15.81 4.79 6.74
CA PHE A 330 14.72 4.10 6.07
C PHE A 330 14.77 4.28 4.56
N THR A 331 15.02 5.51 4.08
CA THR A 331 15.00 5.73 2.63
C THR A 331 16.15 5.02 1.93
N LYS A 332 17.32 4.90 2.57
CA LYS A 332 18.41 4.13 1.98
C LYS A 332 18.07 2.64 1.89
N ASP A 333 17.66 2.04 3.01
CA ASP A 333 17.33 0.60 3.07
C ASP A 333 16.18 0.23 2.15
N ARG A 334 15.24 1.15 1.89
CA ARG A 334 14.01 0.79 1.22
C ARG A 334 13.70 1.68 0.02
N LYS A 335 14.71 2.37 -0.52
CA LYS A 335 14.56 3.19 -1.72
C LYS A 335 13.72 2.47 -2.78
N GLY A 336 12.64 3.12 -3.22
N GLY A 336 12.64 3.12 -3.22
CA GLY A 336 11.71 2.56 -4.19
CA GLY A 336 11.71 2.56 -4.19
C GLY A 336 10.37 2.20 -3.58
C GLY A 336 10.37 2.20 -3.58
N MET A 337 10.35 1.76 -2.32
CA MET A 337 9.11 1.57 -1.56
C MET A 337 9.39 2.16 -0.17
N SER A 338 9.50 3.50 -0.11
CA SER A 338 10.00 4.18 1.08
C SER A 338 9.28 5.50 1.37
N ASP A 339 8.01 5.64 0.97
CA ASP A 339 7.30 6.81 1.46
C ASP A 339 6.76 6.53 2.88
N TRP A 340 6.15 7.57 3.49
CA TRP A 340 5.70 7.44 4.87
C TRP A 340 4.68 6.31 5.02
N GLY A 341 3.83 6.08 4.01
CA GLY A 341 2.91 4.94 4.09
C GLY A 341 3.62 3.61 4.05
N ASP A 342 4.75 3.54 3.34
CA ASP A 342 5.59 2.34 3.40
C ASP A 342 6.22 2.20 4.77
N TYR A 343 6.69 3.30 5.37
CA TYR A 343 7.20 3.21 6.73
C TYR A 343 6.15 2.65 7.68
N VAL A 344 4.88 3.02 7.45
CA VAL A 344 3.80 2.53 8.31
C VAL A 344 3.66 1.01 8.17
N ARG A 345 3.67 0.51 6.93
CA ARG A 345 3.56 -0.93 6.68
C ARG A 345 4.71 -1.69 7.32
N GLU A 346 5.95 -1.27 7.03
CA GLU A 346 7.12 -1.98 7.56
C GLU A 346 7.17 -1.97 9.08
N ASN A 347 6.57 -0.97 9.72
CA ASN A 347 6.70 -0.85 11.16
C ASN A 347 5.43 -1.19 11.91
N GLY A 348 4.40 -1.65 11.20
CA GLY A 348 3.15 -2.03 11.84
C GLY A 348 2.44 -0.92 12.59
N ILE A 349 2.58 0.33 12.13
CA ILE A 349 1.97 1.48 12.79
C ILE A 349 0.47 1.50 12.54
N VAL A 350 -0.32 1.85 13.56
CA VAL A 350 -1.75 2.05 13.42
C VAL A 350 -2.11 3.43 13.98
N PHE A 351 -3.29 3.93 13.61
CA PHE A 351 -3.76 5.23 14.06
C PHE A 351 -4.75 5.01 15.19
N ASN A 352 -4.35 5.37 16.40
CA ASN A 352 -5.16 5.10 17.58
C ASN A 352 -4.52 5.83 18.74
N GLY A 353 -5.28 6.64 19.44
CA GLY A 353 -4.72 7.42 20.52
C GLY A 353 -5.83 7.90 21.43
N PRO A 354 -5.49 8.72 22.43
CA PRO A 354 -6.50 9.16 23.40
C PRO A 354 -7.63 9.95 22.75
N VAL A 355 -8.82 9.80 23.31
CA VAL A 355 -10.03 10.42 22.77
C VAL A 355 -10.77 11.06 23.92
N LEU A 356 -11.23 12.30 23.73
CA LEU A 356 -12.07 12.96 24.71
C LEU A 356 -13.33 13.47 24.02
N ALA A 357 -14.35 13.71 24.83
CA ALA A 357 -15.60 14.27 24.35
C ALA A 357 -15.88 15.59 25.07
N LEU A 358 -16.53 16.50 24.35
CA LEU A 358 -17.03 17.75 24.91
C LEU A 358 -18.40 17.51 25.53
N ASP A 359 -18.54 17.78 26.82
CA ASP A 359 -19.83 17.48 27.45
C ASP A 359 -20.74 18.70 27.35
N LYS A 360 -21.99 18.54 27.83
CA LYS A 360 -23.02 19.55 27.68
C LYS A 360 -22.62 20.88 28.33
N SER A 361 -21.70 20.87 29.28
CA SER A 361 -21.25 22.07 29.95
C SER A 361 -20.00 22.69 29.33
N GLY A 362 -19.42 22.05 28.32
CA GLY A 362 -18.24 22.57 27.67
C GLY A 362 -16.92 22.15 28.27
N LYS A 363 -16.87 21.03 29.00
CA LYS A 363 -15.62 20.47 29.50
C LYS A 363 -15.28 19.23 28.68
N LEU A 364 -14.01 19.07 28.37
CA LEU A 364 -13.54 17.87 27.69
C LEU A 364 -13.27 16.80 28.74
N ASP A 365 -13.90 15.63 28.57
CA ASP A 365 -13.77 14.54 29.54
C ASP A 365 -13.71 13.21 28.81
N THR A 366 -13.38 12.15 29.56
CA THR A 366 -13.39 10.81 28.99
C THR A 366 -14.78 10.47 28.48
N LEU A 367 -14.80 9.68 27.40
CA LEU A 367 -16.07 9.22 26.84
C LEU A 367 -16.93 8.57 27.92
N GLU A 368 -16.32 7.76 28.79
CA GLU A 368 -17.08 7.12 29.86
C GLU A 368 -17.73 8.17 30.76
N ASN A 369 -16.97 9.19 31.17
CA ASN A 369 -17.51 10.21 32.07
C ASN A 369 -18.63 11.00 31.40
N VAL A 370 -18.46 11.37 30.13
CA VAL A 370 -19.51 12.16 29.48
C VAL A 370 -20.74 11.31 29.22
N ALA A 371 -20.54 10.02 28.93
CA ALA A 371 -21.68 9.15 28.64
C ALA A 371 -22.57 8.99 29.86
N SER A 372 -21.96 8.91 31.04
CA SER A 372 -22.73 8.68 32.27
C SER A 372 -23.41 9.92 32.80
N ARG A 373 -23.31 11.06 32.12
CA ARG A 373 -23.93 12.31 32.58
C ARG A 373 -25.10 12.76 31.67
N SER B 5 15.89 -29.49 -15.18
CA SER B 5 17.33 -29.42 -15.37
C SER B 5 18.00 -28.60 -14.25
N ALA B 6 17.72 -27.29 -14.28
CA ALA B 6 18.40 -26.28 -13.48
C ALA B 6 17.66 -25.88 -12.21
N TYR B 7 16.43 -26.36 -12.00
CA TYR B 7 15.70 -26.05 -10.79
C TYR B 7 14.75 -27.20 -10.51
N GLN B 8 14.24 -27.24 -9.28
CA GLN B 8 13.48 -28.37 -8.81
C GLN B 8 12.27 -27.90 -8.01
N LEU B 9 11.09 -28.33 -8.42
CA LEU B 9 9.83 -28.01 -7.76
C LEU B 9 9.49 -29.10 -6.74
N LEU B 10 8.93 -28.70 -5.60
CA LEU B 10 8.61 -29.65 -4.55
C LEU B 10 7.26 -29.29 -3.99
N LEU B 11 6.62 -30.25 -3.33
CA LEU B 11 5.31 -30.01 -2.76
C LEU B 11 5.00 -31.10 -1.75
N SER B 12 4.04 -30.81 -0.88
CA SER B 12 3.72 -31.72 0.22
C SER B 12 2.78 -32.84 -0.21
N LYS B 13 2.71 -33.88 0.63
CA LYS B 13 1.75 -34.97 0.44
C LYS B 13 0.31 -34.44 0.38
N GLU B 14 -0.06 -33.56 1.32
CA GLU B 14 -1.38 -32.96 1.29
C GLU B 14 -1.62 -32.22 -0.05
N THR B 15 -0.59 -31.53 -0.54
CA THR B 15 -0.75 -30.86 -1.83
C THR B 15 -0.98 -31.88 -2.94
N LEU B 16 -0.26 -33.02 -2.89
CA LEU B 16 -0.44 -34.03 -3.91
C LEU B 16 -1.87 -34.57 -3.89
N ASN B 17 -2.42 -34.77 -2.69
CA ASN B 17 -3.83 -35.14 -2.57
C ASN B 17 -4.74 -34.11 -3.26
N LYS B 18 -4.42 -32.83 -3.14
CA LYS B 18 -5.23 -31.81 -3.81
C LYS B 18 -5.17 -31.98 -5.32
N ILE B 19 -3.95 -32.19 -5.84
CA ILE B 19 -3.75 -32.40 -7.28
C ILE B 19 -4.50 -33.64 -7.76
N LEU B 20 -4.37 -34.75 -7.02
CA LEU B 20 -5.08 -35.96 -7.39
C LEU B 20 -6.59 -35.72 -7.48
N GLN B 21 -7.17 -35.05 -6.48
CA GLN B 21 -8.60 -34.81 -6.53
C GLN B 21 -8.96 -33.94 -7.74
N TYR B 22 -8.17 -32.90 -7.99
CA TYR B 22 -8.40 -32.01 -9.12
C TYR B 22 -8.38 -32.80 -10.43
N LYS B 23 -7.31 -33.55 -10.67
CA LYS B 23 -7.20 -34.33 -11.89
C LYS B 23 -8.38 -35.30 -12.05
N GLN B 24 -8.74 -36.03 -11.00
CA GLN B 24 -9.74 -37.07 -11.21
C GLN B 24 -11.12 -36.41 -11.40
N ASN B 25 -11.33 -35.24 -10.82
CA ASN B 25 -12.59 -34.53 -11.08
C ASN B 25 -12.61 -33.97 -12.49
N LEU B 26 -11.45 -33.45 -12.96
CA LEU B 26 -11.37 -33.04 -14.36
C LEU B 26 -11.67 -34.20 -15.30
N GLU B 27 -11.09 -35.38 -15.05
CA GLU B 27 -11.36 -36.51 -15.92
C GLU B 27 -12.81 -36.93 -15.92
N LYS B 28 -13.54 -36.64 -14.85
CA LYS B 28 -14.94 -37.01 -14.74
C LYS B 28 -15.87 -35.93 -15.28
N GLY B 29 -15.35 -34.73 -15.54
CA GLY B 29 -16.17 -33.63 -16.00
C GLY B 29 -16.73 -32.79 -14.89
N LEU B 30 -16.31 -33.03 -13.66
CA LEU B 30 -16.94 -32.44 -12.49
C LEU B 30 -16.20 -31.20 -11.98
N ALA B 31 -15.01 -30.92 -12.49
CA ALA B 31 -14.33 -29.65 -12.22
C ALA B 31 -14.01 -28.93 -13.53
N THR B 32 -13.86 -27.62 -13.44
CA THR B 32 -13.60 -26.72 -14.57
C THR B 32 -12.19 -26.14 -14.49
N PRO B 33 -11.37 -26.21 -15.54
CA PRO B 33 -10.07 -25.55 -15.48
C PRO B 33 -10.26 -24.05 -15.50
N GLY B 34 -9.22 -23.34 -15.04
CA GLY B 34 -9.16 -21.92 -15.27
C GLY B 34 -8.55 -21.61 -16.63
N LYS B 35 -8.71 -20.36 -17.05
CA LYS B 35 -8.32 -20.01 -18.42
C LYS B 35 -6.83 -20.20 -18.64
N PHE B 36 -5.99 -19.82 -17.66
CA PHE B 36 -4.56 -19.90 -17.90
C PHE B 36 -4.07 -21.34 -17.88
N PHE B 37 -4.62 -22.17 -16.98
CA PHE B 37 -4.30 -23.60 -17.05
C PHE B 37 -4.83 -24.20 -18.35
N LEU B 38 -6.07 -23.86 -18.73
CA LEU B 38 -6.65 -24.37 -19.96
C LEU B 38 -5.73 -24.09 -21.15
N GLU B 39 -5.18 -22.88 -21.19
CA GLU B 39 -4.30 -22.51 -22.28
C GLU B 39 -3.02 -23.37 -22.30
N GLU B 40 -2.48 -23.75 -21.14
CA GLU B 40 -1.29 -24.61 -21.13
C GLU B 40 -1.63 -26.04 -21.55
N LEU B 41 -2.73 -26.61 -21.05
CA LEU B 41 -3.19 -27.91 -21.54
C LEU B 41 -3.36 -27.92 -23.05
N SER B 42 -3.98 -26.88 -23.59
CA SER B 42 -4.34 -26.92 -25.00
C SER B 42 -3.13 -26.81 -25.91
N LYS B 43 -1.95 -26.52 -25.37
CA LYS B 43 -0.73 -26.43 -26.15
C LYS B 43 0.01 -27.77 -26.27
N GLN B 44 -0.52 -28.84 -25.69
CA GLN B 44 0.09 -30.16 -25.79
C GLN B 44 -1.02 -31.14 -26.19
N GLU B 45 -0.65 -32.39 -26.43
CA GLU B 45 -1.53 -33.31 -27.14
C GLU B 45 -2.23 -34.33 -26.23
N LYS B 46 -1.81 -34.49 -24.99
CA LYS B 46 -2.38 -35.53 -24.14
C LYS B 46 -3.67 -35.07 -23.47
N SER B 47 -4.60 -36.00 -23.35
CA SER B 47 -5.79 -35.70 -22.56
C SER B 47 -5.50 -35.87 -21.07
N ILE B 48 -6.42 -35.38 -20.24
CA ILE B 48 -6.19 -35.40 -18.80
C ILE B 48 -5.95 -36.83 -18.31
N SER B 49 -6.69 -37.80 -18.86
CA SER B 49 -6.53 -39.19 -18.47
C SER B 49 -5.21 -39.77 -18.95
N GLU B 50 -4.77 -39.42 -20.13
CA GLU B 50 -3.54 -40.01 -20.68
C GLU B 50 -2.35 -39.49 -19.89
N MET B 51 -2.41 -38.24 -19.50
CA MET B 51 -1.36 -37.54 -18.73
C MET B 51 -1.10 -38.23 -17.41
N ASP B 52 0.16 -38.36 -17.06
CA ASP B 52 0.51 -38.85 -15.72
C ASP B 52 0.32 -37.69 -14.76
N ILE B 53 0.45 -37.97 -13.49
CA ILE B 53 0.16 -36.91 -12.55
C ILE B 53 1.29 -35.86 -12.52
N THR B 54 2.53 -36.28 -12.73
CA THR B 54 3.61 -35.29 -12.82
C THR B 54 3.37 -34.29 -13.95
N THR B 55 3.00 -34.80 -15.14
CA THR B 55 2.78 -33.93 -16.30
C THR B 55 1.66 -32.94 -16.04
N PHE B 56 0.54 -33.43 -15.50
CA PHE B 56 -0.56 -32.56 -15.09
C PHE B 56 -0.08 -31.46 -14.13
N THR B 57 0.63 -31.87 -13.09
CA THR B 57 1.17 -30.91 -12.13
C THR B 57 2.07 -29.90 -12.84
N GLN B 58 2.94 -30.36 -13.73
CA GLN B 58 3.83 -29.45 -14.44
C GLN B 58 3.05 -28.45 -15.28
N LEU B 59 1.96 -28.88 -15.94
CA LEU B 59 1.23 -27.96 -16.80
C LEU B 59 0.48 -26.93 -15.98
N LEU B 60 0.02 -27.31 -14.78
CA LEU B 60 -0.56 -26.32 -13.88
C LEU B 60 0.49 -25.29 -13.45
N ILE B 61 1.68 -25.77 -13.02
CA ILE B 61 2.76 -24.86 -12.64
C ILE B 61 3.13 -23.95 -13.81
N GLN B 62 3.08 -24.50 -15.02
CA GLN B 62 3.41 -23.75 -16.23
C GLN B 62 2.44 -22.61 -16.47
N SER B 63 1.30 -22.61 -15.81
CA SER B 63 0.36 -21.51 -16.04
C SER B 63 0.79 -20.24 -15.33
N LYS B 64 1.79 -20.29 -14.46
CA LYS B 64 2.32 -19.08 -13.85
C LYS B 64 2.82 -18.11 -14.92
N LYS B 65 2.81 -16.80 -14.59
CA LYS B 65 3.32 -15.73 -15.42
C LYS B 65 4.56 -15.14 -14.78
N PRO B 66 5.52 -14.63 -15.57
CA PRO B 66 6.76 -14.11 -14.96
C PRO B 66 6.51 -13.10 -13.85
N GLN B 67 5.72 -12.07 -14.11
CA GLN B 67 5.47 -11.02 -13.14
C GLN B 67 3.97 -10.93 -12.88
N VAL B 68 3.58 -10.96 -11.60
CA VAL B 68 2.18 -10.90 -11.23
C VAL B 68 2.08 -10.08 -9.95
N PHE B 69 1.10 -9.20 -9.86
CA PHE B 69 0.80 -8.56 -8.59
C PHE B 69 -0.27 -9.37 -7.88
N ALA B 70 0.20 -10.42 -7.20
CA ALA B 70 -0.69 -11.41 -6.60
C ALA B 70 -1.62 -10.79 -5.58
N GLU B 71 -1.18 -9.73 -4.91
CA GLU B 71 -1.99 -9.19 -3.83
C GLU B 71 -3.19 -8.38 -4.31
N SER B 72 -3.21 -7.96 -5.57
CA SER B 72 -4.24 -7.01 -6.00
C SER B 72 -4.79 -7.22 -7.40
N GLN B 73 -4.09 -7.89 -8.30
CA GLN B 73 -4.48 -7.92 -9.70
C GLN B 73 -4.79 -9.35 -10.18
N VAL B 74 -5.19 -10.20 -9.24
CA VAL B 74 -5.65 -11.56 -9.55
C VAL B 74 -7.11 -11.68 -9.10
N TYR B 75 -7.90 -12.47 -9.83
CA TYR B 75 -9.33 -12.44 -9.64
C TYR B 75 -9.91 -13.71 -9.04
N HIS B 76 -9.19 -14.83 -9.04
CA HIS B 76 -9.62 -16.03 -8.33
C HIS B 76 -10.92 -16.60 -8.89
N ASP B 77 -11.30 -16.23 -10.12
CA ASP B 77 -12.64 -16.47 -10.61
C ASP B 77 -12.65 -17.34 -11.87
N GLY B 78 -11.54 -17.97 -12.22
CA GLY B 78 -11.51 -18.79 -13.40
C GLY B 78 -11.14 -18.05 -14.67
N THR B 79 -11.33 -16.72 -14.72
CA THR B 79 -10.84 -15.95 -15.85
C THR B 79 -9.32 -15.87 -15.87
N ASP B 80 -8.66 -16.15 -14.75
CA ASP B 80 -7.22 -16.30 -14.73
C ASP B 80 -6.87 -17.63 -14.06
N TRP B 81 -7.12 -17.76 -12.76
CA TRP B 81 -7.00 -19.03 -12.08
C TRP B 81 -8.23 -19.25 -11.21
N THR B 82 -8.56 -20.51 -10.97
CA THR B 82 -9.58 -20.82 -10.00
C THR B 82 -8.97 -20.97 -8.59
N LEU B 83 -9.84 -20.92 -7.59
CA LEU B 83 -9.43 -21.12 -6.20
C LEU B 83 -8.84 -22.51 -5.99
N GLU B 84 -9.38 -23.53 -6.66
CA GLU B 84 -8.80 -24.87 -6.54
C GLU B 84 -7.38 -24.90 -7.07
N GLU B 85 -7.13 -24.26 -8.22
CA GLU B 85 -5.77 -24.13 -8.73
C GLU B 85 -4.90 -23.29 -7.81
N GLU B 86 -5.44 -22.18 -7.33
CA GLU B 86 -4.74 -21.31 -6.39
C GLU B 86 -4.27 -22.08 -5.15
N SER B 87 -5.15 -22.91 -4.59
CA SER B 87 -4.79 -23.68 -3.41
C SER B 87 -3.61 -24.60 -3.67
N ILE B 88 -3.48 -25.11 -4.90
CA ILE B 88 -2.36 -25.97 -5.25
C ILE B 88 -1.09 -25.14 -5.53
N LEU B 89 -1.23 -24.10 -6.36
CA LEU B 89 -0.06 -23.32 -6.75
C LEU B 89 0.62 -22.70 -5.53
N GLY B 90 -0.14 -22.34 -4.50
CA GLY B 90 0.45 -21.72 -3.32
C GLY B 90 1.34 -22.64 -2.52
N ASP B 91 1.15 -23.96 -2.66
CA ASP B 91 1.91 -24.94 -1.92
C ASP B 91 3.17 -25.37 -2.65
N VAL B 92 3.31 -24.98 -3.91
CA VAL B 92 4.44 -25.41 -4.72
C VAL B 92 5.63 -24.52 -4.41
N SER B 93 6.79 -25.13 -4.16
CA SER B 93 8.05 -24.40 -3.98
C SER B 93 9.04 -24.84 -5.04
N VAL B 94 10.08 -24.05 -5.26
CA VAL B 94 11.12 -24.40 -6.23
C VAL B 94 12.48 -24.02 -5.65
N ASN B 95 13.44 -24.93 -5.73
CA ASN B 95 14.81 -24.61 -5.33
C ASN B 95 15.71 -24.64 -6.55
N MET B 96 16.87 -24.01 -6.40
CA MET B 96 17.84 -23.97 -7.49
C MET B 96 19.18 -23.54 -6.90
N PRO B 97 20.29 -24.06 -7.41
CA PRO B 97 21.59 -23.49 -7.02
C PRO B 97 21.79 -22.13 -7.65
N VAL B 98 22.43 -21.23 -6.91
CA VAL B 98 22.65 -19.86 -7.39
C VAL B 98 24.07 -19.40 -7.05
N THR B 99 24.56 -18.45 -7.84
CA THR B 99 25.68 -17.61 -7.44
C THR B 99 25.08 -16.36 -6.82
N MET B 100 25.61 -15.94 -5.67
CA MET B 100 25.12 -14.76 -4.95
C MET B 100 26.12 -13.63 -5.15
N TYR B 101 25.70 -12.56 -5.83
CA TYR B 101 26.62 -11.49 -6.20
C TYR B 101 26.69 -10.38 -5.16
N ASN B 102 25.63 -10.17 -4.37
CA ASN B 102 25.66 -9.24 -3.26
C ASN B 102 24.94 -9.90 -2.09
N ASP B 103 24.89 -9.20 -0.97
CA ASP B 103 24.34 -9.81 0.25
C ASP B 103 22.83 -9.77 0.30
N GLY B 104 22.17 -9.20 -0.69
CA GLY B 104 20.72 -9.12 -0.71
C GLY B 104 20.11 -7.90 -0.06
N GLY B 105 20.91 -6.89 0.32
CA GLY B 105 20.34 -5.70 0.90
C GLY B 105 19.38 -5.03 -0.08
N HIS B 106 18.28 -4.50 0.45
CA HIS B 106 17.32 -3.82 -0.40
C HIS B 106 17.80 -2.42 -0.77
N GLY B 107 17.14 -1.85 -1.78
CA GLY B 107 17.47 -0.52 -2.25
C GLY B 107 18.95 -0.39 -2.53
N SER B 108 19.58 0.63 -1.95
CA SER B 108 21.00 0.87 -2.18
C SER B 108 21.86 0.34 -1.04
N SER B 109 21.28 -0.45 -0.14
CA SER B 109 22.01 -0.95 1.01
C SER B 109 22.80 -2.23 0.73
N PHE B 110 22.70 -2.81 -0.47
CA PHE B 110 23.36 -4.08 -0.74
C PHE B 110 24.88 -3.93 -0.75
N LYS B 111 25.56 -4.96 -0.28
CA LYS B 111 27.01 -5.03 -0.31
C LYS B 111 27.40 -6.11 -1.31
N ASN B 112 28.18 -5.73 -2.32
CA ASN B 112 28.67 -6.70 -3.30
C ASN B 112 29.64 -7.66 -2.63
N HIS B 113 29.52 -8.95 -2.94
CA HIS B 113 30.52 -9.90 -2.46
C HIS B 113 31.78 -9.77 -3.31
N PRO B 114 32.96 -9.61 -2.71
CA PRO B 114 34.20 -9.54 -3.51
C PRO B 114 34.39 -10.77 -4.40
N LYS B 115 34.22 -11.97 -3.83
CA LYS B 115 34.09 -13.18 -4.63
C LYS B 115 32.66 -13.66 -4.49
N PRO B 116 31.84 -13.59 -5.54
CA PRO B 116 30.47 -14.11 -5.43
C PRO B 116 30.45 -15.49 -4.79
N ILE B 117 29.46 -15.72 -3.92
CA ILE B 117 29.42 -16.95 -3.14
C ILE B 117 28.37 -17.87 -3.72
N SER B 118 28.62 -19.17 -3.63
CA SER B 118 27.70 -20.14 -4.21
C SER B 118 26.81 -20.72 -3.11
N GLY B 119 25.54 -20.89 -3.43
CA GLY B 119 24.55 -21.29 -2.44
C GLY B 119 23.31 -21.79 -3.15
N TYR B 120 22.17 -21.68 -2.47
CA TYR B 120 20.88 -22.18 -2.98
C TYR B 120 19.78 -21.22 -2.58
N LEU B 121 18.76 -21.13 -3.44
CA LEU B 121 17.50 -20.44 -3.13
C LEU B 121 16.37 -21.45 -3.12
N ALA B 122 15.43 -21.27 -2.19
CA ALA B 122 14.18 -22.04 -2.17
C ALA B 122 13.04 -21.02 -2.13
N TYR B 123 12.35 -20.86 -3.25
CA TYR B 123 11.21 -19.95 -3.33
C TYR B 123 9.98 -20.66 -2.78
N VAL B 124 9.32 -20.03 -1.81
CA VAL B 124 8.17 -20.59 -1.09
C VAL B 124 7.11 -19.49 -1.01
N PRO B 125 5.88 -19.76 -1.48
CA PRO B 125 4.84 -18.72 -1.45
C PRO B 125 4.34 -18.48 -0.02
N GLY B 126 4.30 -17.21 0.38
CA GLY B 126 3.73 -16.87 1.68
C GLY B 126 2.23 -17.01 1.70
N ALA B 127 1.66 -16.94 2.91
CA ALA B 127 0.20 -16.93 3.04
C ALA B 127 -0.36 -15.64 2.46
N LEU B 128 -1.22 -15.77 1.46
CA LEU B 128 -1.70 -14.61 0.70
C LEU B 128 -2.98 -14.12 1.36
N LEU B 129 -2.87 -13.07 2.17
CA LEU B 129 -4.01 -12.52 2.90
C LEU B 129 -4.44 -11.17 2.37
N ALA B 130 -4.23 -10.93 1.08
CA ALA B 130 -4.58 -9.68 0.43
C ALA B 130 -5.21 -9.97 -0.93
N SER B 131 -6.09 -9.10 -1.38
CA SER B 131 -6.80 -9.36 -2.63
C SER B 131 -7.45 -8.09 -3.14
N GLY B 132 -7.36 -7.86 -4.46
CA GLY B 132 -8.11 -6.79 -5.06
C GLY B 132 -9.53 -7.15 -5.40
N SER B 133 -9.93 -8.41 -5.20
CA SER B 133 -11.28 -8.84 -5.53
C SER B 133 -11.80 -9.72 -4.41
N GLY B 134 -12.26 -10.92 -4.69
CA GLY B 134 -12.81 -11.75 -3.65
C GLY B 134 -11.74 -12.29 -2.70
N PRO B 135 -12.16 -13.12 -1.75
CA PRO B 135 -11.20 -13.72 -0.82
C PRO B 135 -10.28 -14.71 -1.51
N THR B 136 -9.06 -14.81 -1.00
CA THR B 136 -8.11 -15.76 -1.58
C THR B 136 -8.30 -17.16 -0.96
N SER B 137 -7.65 -18.14 -1.57
CA SER B 137 -7.66 -19.48 -1.00
C SER B 137 -7.02 -19.48 0.39
N ASP B 138 -5.93 -18.74 0.56
CA ASP B 138 -5.24 -18.71 1.85
C ASP B 138 -6.10 -18.05 2.94
N MET B 139 -6.85 -17.02 2.56
CA MET B 139 -7.74 -16.35 3.50
C MET B 139 -8.82 -17.31 4.02
N LYS B 140 -9.45 -18.05 3.10
CA LYS B 140 -10.44 -19.04 3.51
C LYS B 140 -9.82 -20.11 4.39
N GLU B 141 -8.55 -20.46 4.15
CA GLU B 141 -7.94 -21.52 4.94
C GLU B 141 -7.61 -21.06 6.35
N VAL B 142 -6.93 -19.91 6.52
CA VAL B 142 -6.34 -19.61 7.83
C VAL B 142 -7.09 -18.55 8.64
N LEU B 143 -8.12 -17.91 8.07
CA LEU B 143 -8.93 -16.95 8.80
C LEU B 143 -10.26 -17.58 9.25
N ASP B 144 -10.66 -17.32 10.49
CA ASP B 144 -11.97 -17.74 11.00
C ASP B 144 -12.81 -16.48 11.23
N ASN B 145 -13.69 -16.17 10.28
CA ASN B 145 -14.49 -14.96 10.36
C ASN B 145 -13.59 -13.74 10.54
N GLY B 146 -12.49 -13.72 9.78
CA GLY B 146 -11.55 -12.63 9.82
C GLY B 146 -10.44 -12.77 10.84
N LYS B 147 -10.57 -13.66 11.82
CA LYS B 147 -9.54 -13.80 12.85
C LYS B 147 -8.46 -14.76 12.40
N LEU B 148 -7.23 -14.30 12.43
CA LEU B 148 -6.11 -15.12 12.02
C LEU B 148 -5.89 -16.28 13.00
N ASN B 149 -5.73 -17.49 12.47
CA ASN B 149 -5.65 -18.70 13.28
C ASN B 149 -4.23 -19.24 13.22
N GLN B 150 -3.55 -19.25 14.38
CA GLN B 150 -2.13 -19.57 14.40
C GLN B 150 -1.88 -21.03 14.05
N ASP B 151 -2.70 -21.94 14.55
CA ASP B 151 -2.54 -23.35 14.19
C ASP B 151 -2.76 -23.56 12.69
N LYS B 152 -3.78 -22.91 12.13
CA LYS B 152 -4.00 -23.05 10.70
C LYS B 152 -2.85 -22.46 9.91
N LEU B 153 -2.34 -21.29 10.32
CA LEU B 153 -1.19 -20.71 9.63
C LEU B 153 0.03 -21.62 9.78
N ASN B 154 0.26 -22.13 10.98
CA ASN B 154 1.31 -23.12 11.21
C ASN B 154 1.25 -24.26 10.19
N ALA B 155 0.06 -24.82 9.99
CA ALA B 155 -0.08 -25.98 9.10
C ALA B 155 0.23 -25.59 7.67
N LEU B 156 -0.14 -24.38 7.26
CA LEU B 156 0.12 -23.94 5.89
C LEU B 156 1.62 -23.82 5.64
N TYR B 157 2.35 -23.15 6.54
CA TYR B 157 3.78 -23.02 6.33
C TYR B 157 4.48 -24.36 6.47
N GLU B 158 3.95 -25.25 7.32
CA GLU B 158 4.53 -26.59 7.42
C GLU B 158 4.49 -27.33 6.08
N ARG B 159 3.33 -27.41 5.44
CA ARG B 159 3.39 -28.15 4.18
C ARG B 159 4.17 -27.39 3.09
N ARG B 160 4.26 -26.07 3.17
CA ARG B 160 5.00 -25.37 2.11
C ARG B 160 6.51 -25.43 2.32
N LEU B 161 6.99 -25.38 3.55
CA LEU B 161 8.45 -25.32 3.82
C LEU B 161 9.08 -26.70 4.06
N LEU B 162 8.38 -27.60 4.73
CA LEU B 162 9.02 -28.87 5.07
C LEU B 162 9.65 -29.57 3.87
N PRO B 163 9.00 -29.67 2.71
CA PRO B 163 9.67 -30.32 1.57
C PRO B 163 11.06 -29.75 1.32
N GLN B 164 11.21 -28.42 1.38
CA GLN B 164 12.51 -27.82 1.12
C GLN B 164 13.48 -28.07 2.27
N LEU B 165 13.00 -28.04 3.52
CA LEU B 165 13.90 -28.35 4.62
C LEU B 165 14.44 -29.76 4.48
N ILE B 166 13.57 -30.70 4.15
CA ILE B 166 13.99 -32.08 3.97
C ILE B 166 14.96 -32.21 2.80
N HIS B 167 14.66 -31.56 1.68
CA HIS B 167 15.59 -31.58 0.56
C HIS B 167 16.98 -31.12 0.99
N PHE B 168 17.07 -29.99 1.70
CA PHE B 168 18.40 -29.45 1.97
C PHE B 168 19.09 -30.13 3.14
N ASN B 169 18.32 -30.71 4.07
CA ASN B 169 18.95 -31.61 5.04
C ASN B 169 19.71 -32.72 4.31
N GLU B 170 19.04 -33.36 3.37
CA GLU B 170 19.65 -34.44 2.60
C GLU B 170 20.85 -33.92 1.80
N LEU B 171 20.69 -32.78 1.14
CA LEU B 171 21.79 -32.24 0.33
C LEU B 171 23.00 -31.89 1.18
N ALA B 172 22.77 -31.35 2.38
CA ALA B 172 23.89 -31.13 3.31
C ALA B 172 24.59 -32.44 3.62
N ARG B 173 23.83 -33.48 3.95
CA ARG B 173 24.43 -34.77 4.25
C ARG B 173 25.25 -35.30 3.08
N GLN B 174 24.72 -35.19 1.87
CA GLN B 174 25.46 -35.69 0.71
C GLN B 174 26.73 -34.89 0.47
N ASN B 175 26.77 -33.63 0.91
CA ASN B 175 27.95 -32.79 0.74
C ASN B 175 28.85 -32.81 1.96
N GLU B 176 28.53 -33.62 2.95
CA GLU B 176 29.30 -33.71 4.19
C GLU B 176 29.43 -32.35 4.88
N LYS B 177 28.34 -31.59 4.87
CA LYS B 177 28.29 -30.30 5.56
C LYS B 177 27.01 -30.24 6.36
N GLN B 178 26.82 -29.13 7.07
CA GLN B 178 25.53 -28.82 7.64
C GLN B 178 24.87 -27.71 6.80
N ALA B 179 23.65 -27.32 7.18
CA ALA B 179 22.92 -26.31 6.43
C ALA B 179 22.80 -25.05 7.28
N ALA B 180 23.07 -23.91 6.67
CA ALA B 180 22.69 -22.62 7.23
C ALA B 180 21.59 -22.04 6.34
N ILE B 181 20.44 -21.73 6.94
CA ILE B 181 19.29 -21.23 6.21
C ILE B 181 18.91 -19.85 6.71
N THR B 182 18.79 -18.90 5.78
CA THR B 182 18.31 -17.57 6.07
C THR B 182 16.87 -17.46 5.60
N ILE B 183 16.03 -16.82 6.41
CA ILE B 183 14.61 -16.68 6.14
C ILE B 183 14.18 -15.22 6.34
N PRO B 184 13.41 -14.63 5.41
CA PRO B 184 12.94 -13.25 5.60
C PRO B 184 11.57 -13.27 6.27
N GLY B 185 10.94 -12.11 6.41
CA GLY B 185 9.61 -12.09 6.98
C GLY B 185 8.59 -12.48 5.93
N ILE B 186 8.58 -13.77 5.58
CA ILE B 186 7.75 -14.26 4.48
C ILE B 186 6.29 -13.94 4.76
N GLY B 187 5.59 -13.39 3.76
CA GLY B 187 4.18 -13.07 3.90
C GLY B 187 3.84 -11.91 4.81
N THR B 188 4.82 -11.16 5.30
CA THR B 188 4.55 -10.05 6.19
C THR B 188 4.51 -8.72 5.44
N GLY B 189 4.84 -8.71 4.18
CA GLY B 189 4.81 -7.48 3.43
C GLY B 189 3.42 -7.22 2.91
N CYS B 190 3.33 -6.95 1.60
CA CYS B 190 2.03 -6.71 0.98
C CYS B 190 1.14 -7.93 1.09
N PHE B 191 1.69 -9.15 1.16
CA PHE B 191 0.81 -10.29 1.27
C PHE B 191 -0.05 -10.27 2.51
N SER B 192 0.39 -9.57 3.56
CA SER B 192 -0.40 -9.61 4.79
C SER B 192 -1.65 -8.75 4.72
N GLY B 193 -1.78 -7.92 3.67
CA GLY B 193 -2.98 -7.11 3.55
C GLY B 193 -3.30 -6.36 4.83
N ALA B 194 -4.54 -6.46 5.28
CA ALA B 194 -5.00 -5.80 6.49
C ALA B 194 -4.35 -6.33 7.77
N TYR B 195 -3.54 -7.38 7.69
CA TYR B 195 -2.96 -7.99 8.88
C TYR B 195 -1.54 -7.52 9.13
N TYR B 196 -1.11 -6.47 8.40
CA TYR B 196 0.29 -6.04 8.45
C TYR B 196 0.74 -5.73 9.87
N ASP B 197 -0.17 -5.31 10.75
CA ASP B 197 0.24 -4.85 12.06
C ASP B 197 0.18 -5.94 13.12
N VAL B 198 -0.30 -7.14 12.79
CA VAL B 198 -0.30 -8.27 13.73
C VAL B 198 0.47 -9.48 13.22
N ILE B 199 0.89 -9.51 11.96
CA ILE B 199 1.32 -10.77 11.33
C ILE B 199 2.70 -11.24 11.83
N LYS B 200 3.58 -10.32 12.27
CA LYS B 200 4.98 -10.68 12.51
C LYS B 200 5.15 -11.80 13.53
N PRO B 201 4.56 -11.74 14.73
CA PRO B 201 4.75 -12.86 15.66
C PRO B 201 4.13 -14.17 15.20
N TYR B 202 3.08 -14.12 14.37
CA TYR B 202 2.45 -15.34 13.84
C TYR B 202 3.43 -16.10 12.94
N VAL B 203 4.21 -15.41 12.14
CA VAL B 203 5.17 -16.05 11.21
C VAL B 203 6.35 -16.67 11.96
N ARG B 204 6.90 -15.95 12.93
CA ARG B 204 8.03 -16.48 13.75
C ARG B 204 7.55 -17.73 14.44
N ASN B 205 6.38 -17.65 15.02
CA ASN B 205 5.76 -18.80 15.70
C ASN B 205 5.62 -19.99 14.74
N ALA B 206 5.25 -19.71 13.51
CA ALA B 206 5.11 -20.80 12.54
C ALA B 206 6.47 -21.44 12.28
N LEU B 207 7.48 -20.63 12.06
CA LEU B 207 8.83 -21.14 11.83
C LEU B 207 9.29 -21.97 13.02
N ILE B 208 9.10 -21.46 14.22
CA ILE B 208 9.55 -22.22 15.37
C ILE B 208 8.75 -23.51 15.48
N HIS B 209 7.45 -23.45 15.22
CA HIS B 209 6.63 -24.64 15.36
C HIS B 209 7.07 -25.71 14.37
N ILE B 210 7.36 -25.33 13.13
CA ILE B 210 7.79 -26.31 12.15
C ILE B 210 9.08 -26.99 12.58
N LEU B 211 10.04 -26.20 13.10
CA LEU B 211 11.35 -26.75 13.39
C LEU B 211 11.32 -27.64 14.63
N GLU B 212 10.57 -27.22 15.64
CA GLU B 212 10.35 -28.05 16.82
C GLU B 212 9.76 -29.40 16.42
N LYS B 213 8.75 -29.39 15.55
CA LYS B 213 8.02 -30.62 15.27
C LYS B 213 8.86 -31.60 14.47
N HIS B 214 9.71 -31.10 13.58
CA HIS B 214 10.45 -31.97 12.67
C HIS B 214 11.94 -32.00 12.97
N LYS B 215 12.34 -31.60 14.19
CA LYS B 215 13.77 -31.52 14.52
C LYS B 215 14.48 -32.86 14.35
N ASP B 216 13.79 -33.97 14.63
CA ASP B 216 14.43 -35.28 14.50
C ASP B 216 14.62 -35.70 13.06
N SER B 217 13.99 -35.02 12.11
CA SER B 217 14.18 -35.34 10.70
C SER B 217 15.14 -34.40 10.00
N LEU B 218 15.74 -33.45 10.73
CA LEU B 218 16.65 -32.46 10.13
C LEU B 218 18.01 -32.44 10.84
N PRO B 219 18.68 -33.59 10.97
CA PRO B 219 19.96 -33.62 11.71
C PRO B 219 21.04 -32.76 11.08
N TYR B 220 21.02 -32.57 9.77
CA TYR B 220 22.07 -31.83 9.11
C TYR B 220 21.76 -30.35 8.95
N ILE B 221 20.60 -29.90 9.41
CA ILE B 221 20.30 -28.48 9.49
C ILE B 221 20.82 -27.93 10.83
N ASP B 222 21.64 -26.90 10.74
CA ASP B 222 22.38 -26.40 11.89
C ASP B 222 21.91 -25.02 12.35
N ILE B 223 21.72 -24.07 11.43
CA ILE B 223 21.47 -22.68 11.78
C ILE B 223 20.30 -22.16 10.96
N ILE B 224 19.33 -21.55 11.63
CA ILE B 224 18.24 -20.84 10.98
C ILE B 224 18.35 -19.38 11.38
N HIS B 225 18.51 -18.50 10.40
CA HIS B 225 18.72 -17.06 10.63
C HIS B 225 17.49 -16.33 10.09
N TYR B 226 16.63 -15.86 10.99
CA TYR B 226 15.34 -15.27 10.63
C TYR B 226 15.39 -13.76 10.80
N ASP B 227 15.08 -13.02 9.73
CA ASP B 227 15.26 -11.57 9.66
C ASP B 227 13.99 -10.94 9.08
N PRO B 228 13.04 -10.55 9.93
CA PRO B 228 11.82 -9.89 9.42
C PRO B 228 11.96 -8.38 9.31
N TYR B 229 13.21 -7.88 9.34
CA TYR B 229 13.58 -6.46 9.23
C TYR B 229 13.20 -5.66 10.46
N MET B 230 11.90 -5.50 10.71
CA MET B 230 11.38 -4.79 11.88
C MET B 230 10.38 -5.68 12.59
N GLY B 231 10.06 -5.34 13.84
CA GLY B 231 8.88 -5.90 14.49
C GLY B 231 9.04 -7.23 15.17
N ASP B 232 10.24 -7.56 15.65
CA ASP B 232 10.42 -8.75 16.48
C ASP B 232 11.63 -8.51 17.36
N GLU B 233 11.73 -9.33 18.48
CA GLU B 233 12.84 -9.06 19.39
C GLU B 233 14.03 -9.95 19.04
N PRO B 234 15.26 -9.45 19.16
CA PRO B 234 16.44 -10.31 18.98
C PRO B 234 16.41 -11.51 19.90
N ALA B 235 16.77 -12.67 19.37
CA ALA B 235 16.66 -13.88 20.17
C ALA B 235 17.51 -14.98 19.56
N GLU B 236 17.90 -15.94 20.41
CA GLU B 236 18.38 -17.24 19.95
C GLU B 236 17.63 -18.31 20.71
N LYS B 237 17.06 -19.28 19.99
CA LYS B 237 16.42 -20.43 20.59
C LYS B 237 17.15 -21.69 20.16
N LYS B 238 17.45 -22.57 21.12
CA LYS B 238 17.85 -23.93 20.81
C LYS B 238 16.59 -24.72 20.49
N ILE B 239 16.54 -25.27 19.28
CA ILE B 239 15.42 -26.10 18.84
C ILE B 239 16.04 -27.46 18.53
N GLY B 240 16.10 -28.31 19.55
CA GLY B 240 16.86 -29.54 19.40
C GLY B 240 18.32 -29.22 19.21
N HIS B 241 18.92 -29.80 18.19
CA HIS B 241 20.31 -29.53 17.84
C HIS B 241 20.49 -28.21 17.06
N MET B 242 19.40 -27.57 16.66
CA MET B 242 19.46 -26.43 15.74
C MET B 242 19.49 -25.13 16.51
N SER B 243 20.12 -24.11 15.92
CA SER B 243 20.14 -22.77 16.47
C SER B 243 19.27 -21.85 15.61
N PHE B 244 18.18 -21.35 16.18
CA PHE B 244 17.22 -20.51 15.47
C PHE B 244 17.40 -19.07 15.96
N ARG B 245 17.81 -18.17 15.06
CA ARG B 245 18.13 -16.78 15.43
C ARG B 245 17.05 -15.85 14.90
N VAL B 246 16.55 -14.96 15.75
CA VAL B 246 15.72 -13.84 15.32
C VAL B 246 16.61 -12.62 15.36
N SER B 247 16.87 -12.03 14.19
CA SER B 247 17.82 -10.92 14.05
C SER B 247 17.27 -9.93 13.04
N PRO B 248 16.29 -9.11 13.44
CA PRO B 248 15.70 -8.17 12.47
C PRO B 248 16.70 -7.06 12.16
N SER B 249 17.00 -6.90 10.87
CA SER B 249 18.08 -6.01 10.45
C SER B 249 17.85 -4.58 10.88
N GLY B 250 16.60 -4.11 10.89
CA GLY B 250 16.33 -2.78 11.37
C GLY B 250 16.43 -2.61 12.87
N VAL B 251 16.63 -3.70 13.60
CA VAL B 251 16.71 -3.70 15.05
C VAL B 251 18.11 -4.03 15.54
N VAL B 252 18.76 -5.02 14.92
CA VAL B 252 20.05 -5.53 15.36
C VAL B 252 21.10 -5.04 14.37
N ARG B 253 21.88 -4.04 14.77
CA ARG B 253 22.90 -3.48 13.90
C ARG B 253 23.92 -4.55 13.50
N GLY B 254 24.35 -4.49 12.25
CA GLY B 254 25.36 -5.42 11.76
C GLY B 254 24.83 -6.78 11.33
N THR B 255 23.51 -6.98 11.34
CA THR B 255 22.93 -8.28 10.99
C THR B 255 23.44 -8.73 9.64
N THR B 256 23.83 -10.00 9.56
CA THR B 256 24.32 -10.50 8.28
C THR B 256 23.18 -10.58 7.26
N GLY B 257 23.53 -10.35 5.99
CA GLY B 257 22.53 -10.31 4.95
C GLY B 257 21.93 -11.68 4.66
N GLN B 258 20.76 -11.65 4.02
CA GLN B 258 20.07 -12.89 3.67
C GLN B 258 20.90 -13.73 2.72
N LEU B 259 21.65 -13.10 1.83
CA LEU B 259 22.56 -13.83 0.93
C LEU B 259 24.00 -13.82 1.45
N ASP B 260 24.20 -14.09 2.73
CA ASP B 260 25.52 -14.21 3.33
C ASP B 260 25.46 -15.31 4.37
N TYR B 261 26.63 -15.83 4.74
CA TYR B 261 26.75 -16.87 5.76
C TYR B 261 26.42 -16.30 7.13
N PRO B 262 25.44 -16.84 7.84
CA PRO B 262 25.18 -16.34 9.20
C PRO B 262 26.32 -16.69 10.15
N LEU B 263 26.39 -15.95 11.25
CA LEU B 263 27.50 -16.12 12.19
C LEU B 263 27.61 -17.57 12.62
N GLY B 264 28.80 -18.12 12.52
CA GLY B 264 29.02 -19.52 12.83
C GLY B 264 28.92 -20.46 11.65
N SER B 265 28.78 -19.95 10.43
CA SER B 265 28.83 -20.79 9.25
C SER B 265 29.84 -20.20 8.27
N ASN B 266 30.37 -21.05 7.42
CA ASN B 266 31.28 -20.62 6.36
C ASN B 266 31.24 -21.68 5.28
N PRO B 267 31.79 -21.40 4.08
CA PRO B 267 31.58 -22.33 2.96
C PRO B 267 32.19 -23.70 3.18
N ASP B 268 33.25 -23.81 3.97
CA ASP B 268 33.87 -25.11 4.18
C ASP B 268 33.01 -26.03 5.04
N THR B 269 32.21 -25.46 5.93
CA THR B 269 31.39 -26.25 6.85
C THR B 269 29.90 -26.25 6.52
N HIS B 270 29.38 -25.30 5.74
CA HIS B 270 27.95 -25.25 5.52
C HIS B 270 27.62 -25.00 4.05
N ILE B 271 26.49 -25.48 3.65
CA ILE B 271 25.84 -24.97 2.46
C ILE B 271 24.94 -23.82 2.89
N LEU B 272 24.89 -22.78 2.08
CA LEU B 272 24.08 -21.60 2.40
C LEU B 272 22.80 -21.64 1.59
N VAL B 273 21.66 -21.62 2.27
CA VAL B 273 20.35 -21.66 1.63
C VAL B 273 19.56 -20.44 2.11
N SER B 274 18.87 -19.78 1.20
CA SER B 274 17.98 -18.68 1.56
C SER B 274 16.58 -19.00 1.07
N ILE B 275 15.59 -18.91 1.97
CA ILE B 275 14.19 -18.97 1.60
C ILE B 275 13.81 -17.64 0.97
N VAL B 276 13.06 -17.70 -0.14
CA VAL B 276 12.57 -16.52 -0.82
C VAL B 276 11.05 -16.49 -0.69
N ALA B 277 10.51 -15.39 -0.16
CA ALA B 277 9.06 -15.19 -0.12
C ALA B 277 8.54 -15.07 -1.54
N TRP B 278 7.87 -16.12 -2.02
CA TRP B 278 7.46 -16.23 -3.41
C TRP B 278 5.97 -15.89 -3.51
N ASP B 279 5.31 -16.23 -4.63
CA ASP B 279 3.86 -16.21 -4.62
C ASP B 279 3.25 -17.21 -5.58
N HIS B 280 1.94 -17.43 -5.38
CA HIS B 280 1.20 -18.50 -6.05
C HIS B 280 1.35 -18.46 -7.55
N PHE B 281 1.34 -17.27 -8.13
CA PHE B 281 1.01 -17.08 -9.55
C PHE B 281 2.16 -16.71 -10.45
N SER B 282 3.34 -16.39 -9.91
CA SER B 282 4.44 -15.85 -10.69
C SER B 282 5.56 -16.87 -10.82
N TRP B 283 6.49 -16.58 -11.75
CA TRP B 283 7.75 -17.29 -11.82
C TRP B 283 8.64 -16.84 -10.66
N PRO B 284 9.61 -17.66 -10.25
CA PRO B 284 10.50 -17.25 -9.15
C PRO B 284 11.21 -15.97 -9.54
N GLY B 285 11.12 -14.96 -8.67
CA GLY B 285 11.72 -13.66 -8.94
C GLY B 285 10.75 -12.56 -9.32
N ASN B 286 9.47 -12.93 -9.56
CA ASN B 286 8.33 -12.03 -9.80
C ASN B 286 8.73 -10.63 -10.28
N ASP B 287 8.79 -9.66 -9.36
CA ASP B 287 8.97 -8.25 -9.74
C ASP B 287 10.18 -8.04 -10.65
N TYR B 288 11.25 -8.78 -10.45
CA TYR B 288 12.43 -8.47 -11.23
C TYR B 288 12.35 -9.00 -12.66
N TRP B 289 11.34 -9.82 -13.01
CA TRP B 289 11.09 -10.08 -14.42
C TRP B 289 10.72 -8.80 -15.16
N GLY B 290 10.12 -7.84 -14.45
CA GLY B 290 9.88 -6.51 -14.95
C GLY B 290 10.95 -5.49 -14.62
N GLY B 291 12.13 -5.93 -14.17
CA GLY B 291 13.24 -5.03 -13.98
C GLY B 291 13.31 -4.35 -12.62
N ALA B 292 12.36 -4.61 -11.73
CA ALA B 292 12.30 -3.94 -10.44
C ALA B 292 13.03 -4.79 -9.40
N ARG B 293 14.04 -4.22 -8.75
CA ARG B 293 14.76 -4.88 -7.66
C ARG B 293 14.06 -4.54 -6.34
N GLN B 294 12.86 -5.12 -6.18
CA GLN B 294 11.94 -4.73 -5.13
C GLN B 294 11.30 -6.00 -4.56
N THR B 295 10.96 -5.95 -3.27
CA THR B 295 10.45 -7.10 -2.52
C THR B 295 11.53 -8.16 -2.34
N ASP B 296 11.39 -8.98 -1.29
CA ASP B 296 12.32 -10.09 -1.09
C ASP B 296 12.49 -10.91 -2.36
N ASP B 297 11.37 -11.21 -3.03
CA ASP B 297 11.37 -12.02 -4.24
C ASP B 297 12.19 -11.37 -5.35
N GLY B 298 11.91 -10.08 -5.64
CA GLY B 298 12.66 -9.42 -6.68
C GLY B 298 14.13 -9.20 -6.32
N VAL B 299 14.39 -8.85 -5.06
CA VAL B 299 15.76 -8.49 -4.69
C VAL B 299 16.68 -9.71 -4.80
N LYS B 300 16.24 -10.84 -4.23
CA LYS B 300 17.04 -12.05 -4.24
C LYS B 300 17.23 -12.58 -5.65
N ALA B 301 16.20 -12.50 -6.46
CA ALA B 301 16.35 -12.94 -7.83
C ALA B 301 17.30 -12.02 -8.59
N ALA B 302 17.23 -10.70 -8.37
CA ALA B 302 18.15 -9.84 -9.08
C ALA B 302 19.58 -10.02 -8.59
N SER B 303 19.76 -10.34 -7.31
CA SER B 303 21.09 -10.38 -6.70
C SER B 303 21.76 -11.73 -6.89
N THR B 304 21.14 -12.65 -7.62
CA THR B 304 21.63 -13.98 -7.90
C THR B 304 21.55 -14.21 -9.41
N ASP B 305 22.05 -15.37 -9.87
CA ASP B 305 21.81 -15.76 -11.26
C ASP B 305 20.48 -16.52 -11.41
N THR B 306 19.48 -16.22 -10.59
CA THR B 306 18.17 -16.87 -10.71
C THR B 306 17.67 -16.84 -12.15
N MET B 307 17.82 -15.69 -12.83
CA MET B 307 17.18 -15.60 -14.13
C MET B 307 17.91 -16.47 -15.13
N GLY B 308 19.23 -16.61 -14.95
CA GLY B 308 19.99 -17.51 -15.79
C GLY B 308 19.58 -18.95 -15.61
N GLN B 309 19.28 -19.36 -14.36
CA GLN B 309 18.84 -20.73 -14.12
C GLN B 309 17.47 -21.00 -14.75
N VAL B 310 16.56 -20.03 -14.70
CA VAL B 310 15.22 -20.24 -15.21
C VAL B 310 15.20 -20.19 -16.73
N THR B 311 15.93 -19.25 -17.34
CA THR B 311 15.91 -19.09 -18.79
C THR B 311 16.96 -19.89 -19.52
N GLY B 312 18.03 -20.31 -18.84
CA GLY B 312 19.17 -20.85 -19.53
C GLY B 312 20.10 -19.83 -20.13
N ALA B 313 19.75 -18.54 -20.13
CA ALA B 313 20.62 -17.51 -20.66
C ALA B 313 21.72 -17.18 -19.66
N THR B 314 22.87 -16.73 -20.18
CA THR B 314 23.98 -16.27 -19.35
C THR B 314 23.90 -14.75 -19.26
N GLY B 315 23.46 -14.26 -18.09
CA GLY B 315 23.42 -12.83 -17.82
C GLY B 315 24.78 -12.30 -17.39
N VAL B 316 24.80 -10.99 -17.08
CA VAL B 316 26.00 -10.32 -16.57
C VAL B 316 25.60 -9.47 -15.35
N TYR B 317 26.34 -9.62 -14.26
CA TYR B 317 26.05 -8.89 -13.04
C TYR B 317 26.52 -7.45 -13.18
N ASP B 318 25.66 -6.51 -12.80
CA ASP B 318 25.97 -5.08 -12.76
C ASP B 318 26.21 -4.71 -11.29
N LYS B 319 27.50 -4.51 -10.95
CA LYS B 319 27.89 -4.10 -9.60
C LYS B 319 27.21 -2.82 -9.18
N LYS B 320 26.99 -1.92 -10.12
CA LYS B 320 26.53 -0.60 -9.71
C LYS B 320 25.12 -0.67 -9.18
N TRP B 321 24.24 -1.42 -9.86
CA TRP B 321 22.83 -1.48 -9.48
C TRP B 321 22.46 -2.78 -8.79
N GLY B 322 23.42 -3.67 -8.57
CA GLY B 322 23.19 -4.86 -7.77
C GLY B 322 22.25 -5.83 -8.43
N ARG B 323 22.26 -5.91 -9.76
CA ARG B 323 21.29 -6.74 -10.46
C ARG B 323 21.95 -7.49 -11.61
N TYR B 324 21.51 -8.73 -11.77
CA TYR B 324 21.91 -9.61 -12.85
C TYR B 324 21.10 -9.29 -14.10
N MET B 325 21.79 -8.86 -15.18
CA MET B 325 21.15 -8.31 -16.36
C MET B 325 21.12 -9.34 -17.48
N PRO B 326 20.17 -9.22 -18.42
CA PRO B 326 20.13 -10.14 -19.56
C PRO B 326 21.41 -10.02 -20.36
N PRO B 327 21.73 -11.02 -21.18
CA PRO B 327 22.97 -10.96 -21.96
C PRO B 327 22.98 -9.73 -22.84
N GLU B 328 24.20 -9.26 -23.14
CA GLU B 328 24.37 -8.01 -23.87
C GLU B 328 23.89 -8.14 -25.30
N SER B 329 24.05 -9.30 -25.92
CA SER B 329 23.52 -9.49 -27.26
C SER B 329 22.02 -9.17 -27.31
N PHE B 330 21.34 -9.28 -26.17
CA PHE B 330 19.92 -9.01 -26.10
C PHE B 330 19.62 -7.54 -25.81
N THR B 331 20.29 -6.95 -24.81
CA THR B 331 19.98 -5.59 -24.38
C THR B 331 20.49 -4.56 -25.38
N LYS B 332 21.62 -4.84 -26.02
CA LYS B 332 22.12 -4.02 -27.11
C LYS B 332 21.04 -3.85 -28.17
N ASP B 333 20.65 -2.60 -28.38
CA ASP B 333 19.61 -2.20 -29.32
C ASP B 333 18.20 -2.50 -28.82
N ARG B 334 18.02 -2.69 -27.51
CA ARG B 334 16.71 -2.90 -26.91
C ARG B 334 16.54 -2.01 -25.67
N LYS B 335 16.98 -0.75 -25.77
CA LYS B 335 16.84 0.15 -24.62
C LYS B 335 15.36 0.35 -24.27
N GLY B 336 15.03 0.16 -22.99
CA GLY B 336 13.66 0.24 -22.56
C GLY B 336 12.80 -0.93 -22.93
N MET B 337 13.34 -1.91 -23.67
CA MET B 337 12.58 -3.11 -24.03
C MET B 337 13.40 -4.38 -23.79
N SER B 338 14.25 -4.40 -22.76
CA SER B 338 15.15 -5.54 -22.58
C SER B 338 15.25 -5.95 -21.12
N ASP B 339 14.15 -5.97 -20.38
CA ASP B 339 14.28 -6.63 -19.10
C ASP B 339 13.95 -8.11 -19.27
N TRP B 340 14.11 -8.90 -18.20
CA TRP B 340 14.11 -10.35 -18.34
C TRP B 340 12.75 -10.88 -18.79
N GLY B 341 11.66 -10.20 -18.42
CA GLY B 341 10.36 -10.58 -18.94
C GLY B 341 10.27 -10.47 -20.45
N ASP B 342 10.93 -9.46 -21.04
CA ASP B 342 11.01 -9.37 -22.49
C ASP B 342 11.82 -10.52 -23.09
N TYR B 343 12.87 -10.95 -22.40
CA TYR B 343 13.65 -12.09 -22.89
C TYR B 343 12.76 -13.32 -22.99
N VAL B 344 11.97 -13.57 -21.94
CA VAL B 344 11.12 -14.76 -21.91
C VAL B 344 10.04 -14.68 -23.01
N ARG B 345 9.39 -13.53 -23.13
CA ARG B 345 8.36 -13.36 -24.14
C ARG B 345 8.92 -13.59 -25.53
N GLU B 346 10.01 -12.90 -25.88
CA GLU B 346 10.52 -13.02 -27.24
C GLU B 346 10.95 -14.45 -27.58
N ASN B 347 11.38 -15.22 -26.59
CA ASN B 347 11.91 -16.55 -26.84
C ASN B 347 10.93 -17.67 -26.54
N GLY B 348 9.75 -17.34 -26.01
CA GLY B 348 8.76 -18.35 -25.70
C GLY B 348 9.20 -19.31 -24.61
N ILE B 349 9.95 -18.82 -23.62
CA ILE B 349 10.41 -19.67 -22.53
C ILE B 349 9.22 -20.04 -21.65
N VAL B 350 9.18 -21.26 -21.16
CA VAL B 350 8.15 -21.63 -20.21
C VAL B 350 8.77 -22.05 -18.89
N PHE B 351 7.97 -21.97 -17.83
CA PHE B 351 8.40 -22.38 -16.50
C PHE B 351 7.84 -23.77 -16.23
N ASN B 352 8.71 -24.77 -16.27
CA ASN B 352 8.28 -26.18 -16.19
C ASN B 352 9.53 -26.99 -15.92
N GLY B 353 9.56 -27.70 -14.79
CA GLY B 353 10.71 -28.49 -14.45
C GLY B 353 10.34 -29.71 -13.65
N PRO B 354 11.35 -30.48 -13.23
CA PRO B 354 11.06 -31.69 -12.45
C PRO B 354 10.37 -31.35 -11.14
N VAL B 355 9.53 -32.28 -10.69
CA VAL B 355 8.72 -32.05 -9.49
C VAL B 355 8.79 -33.30 -8.63
N LEU B 356 8.92 -33.12 -7.30
CA LEU B 356 8.86 -34.24 -6.39
C LEU B 356 7.88 -33.92 -5.26
N ALA B 357 7.42 -34.97 -4.58
CA ALA B 357 6.49 -34.82 -3.47
C ALA B 357 7.06 -35.49 -2.23
N LEU B 358 6.65 -34.99 -1.07
CA LEU B 358 7.08 -35.50 0.22
C LEU B 358 6.03 -36.49 0.71
N ASP B 359 6.40 -37.77 0.86
CA ASP B 359 5.42 -38.78 1.27
C ASP B 359 5.23 -38.79 2.78
N LYS B 360 4.32 -39.64 3.25
CA LYS B 360 3.95 -39.62 4.67
C LYS B 360 5.13 -39.97 5.57
N SER B 361 6.18 -40.59 5.04
CA SER B 361 7.36 -40.94 5.80
C SER B 361 8.50 -39.93 5.67
N GLY B 362 8.24 -38.75 5.08
CA GLY B 362 9.29 -37.74 4.96
C GLY B 362 10.39 -38.03 3.95
N LYS B 363 10.13 -38.88 2.97
CA LYS B 363 11.01 -39.03 1.81
C LYS B 363 10.43 -38.25 0.63
N LEU B 364 11.30 -37.62 -0.14
CA LEU B 364 10.91 -37.01 -1.40
C LEU B 364 10.97 -38.06 -2.50
N ASP B 365 9.98 -38.04 -3.39
CA ASP B 365 9.85 -39.09 -4.39
C ASP B 365 8.95 -38.58 -5.51
N THR B 366 8.91 -39.31 -6.61
CA THR B 366 8.06 -38.90 -7.73
C THR B 366 6.60 -38.86 -7.32
N LEU B 367 5.85 -37.98 -7.96
CA LEU B 367 4.43 -37.89 -7.65
C LEU B 367 3.73 -39.23 -7.90
N GLU B 368 4.14 -39.96 -8.93
CA GLU B 368 3.52 -41.26 -9.19
C GLU B 368 3.79 -42.23 -8.05
N ASN B 369 5.02 -42.25 -7.54
CA ASN B 369 5.35 -43.17 -6.45
C ASN B 369 4.59 -42.79 -5.19
N VAL B 370 4.56 -41.52 -4.85
CA VAL B 370 3.89 -41.13 -3.61
C VAL B 370 2.39 -41.41 -3.72
N ALA B 371 1.83 -41.21 -4.92
CA ALA B 371 0.41 -41.56 -5.14
C ALA B 371 0.18 -43.08 -5.07
N SER B 372 1.07 -43.88 -5.64
CA SER B 372 0.86 -45.32 -5.65
C SER B 372 0.96 -45.94 -4.25
N ARG B 373 1.88 -45.44 -3.41
CA ARG B 373 2.07 -45.99 -2.07
C ARG B 373 1.01 -45.54 -1.07
N SER B 374 0.25 -44.49 -1.38
CA SER B 374 -0.84 -44.03 -0.52
C SER B 374 -2.09 -44.91 -0.72
N MET C 1 -12.20 -11.04 -33.97
CA MET C 1 -11.85 -11.57 -32.66
C MET C 1 -12.69 -10.90 -31.57
N GLN C 2 -13.27 -11.70 -30.69
CA GLN C 2 -13.96 -11.17 -29.52
C GLN C 2 -13.11 -11.35 -28.28
N ILE C 3 -13.10 -10.35 -27.42
CA ILE C 3 -12.54 -10.47 -26.09
C ILE C 3 -13.59 -9.90 -25.15
N PHE C 4 -13.43 -10.21 -23.88
CA PHE C 4 -14.33 -9.73 -22.86
C PHE C 4 -13.62 -8.80 -21.91
N VAL C 5 -14.38 -7.90 -21.30
CA VAL C 5 -13.85 -6.96 -20.33
C VAL C 5 -14.79 -7.00 -19.13
N LYS C 6 -14.27 -7.47 -18.00
CA LYS C 6 -15.04 -7.63 -16.77
C LYS C 6 -14.80 -6.43 -15.87
N THR C 7 -15.88 -5.81 -15.39
CA THR C 7 -15.75 -4.67 -14.51
C THR C 7 -15.84 -5.12 -13.06
N LEU C 8 -15.64 -4.16 -12.15
CA LEU C 8 -15.73 -4.40 -10.72
C LEU C 8 -17.06 -5.02 -10.34
N THR C 9 -18.16 -4.44 -10.82
CA THR C 9 -19.49 -5.01 -10.57
C THR C 9 -19.71 -6.35 -11.27
N GLY C 10 -18.69 -7.03 -11.81
CA GLY C 10 -18.86 -8.28 -12.51
C GLY C 10 -19.53 -8.19 -13.87
N LYS C 11 -20.01 -7.00 -14.27
CA LYS C 11 -20.58 -6.81 -15.61
C LYS C 11 -19.54 -7.13 -16.69
N THR C 12 -19.98 -7.75 -17.78
CA THR C 12 -19.05 -8.21 -18.80
C THR C 12 -19.35 -7.55 -20.14
N ILE C 13 -18.35 -6.88 -20.69
CA ILE C 13 -18.41 -6.15 -21.95
C ILE C 13 -17.79 -7.04 -23.02
N THR C 14 -18.39 -7.05 -24.20
CA THR C 14 -17.84 -7.80 -25.32
C THR C 14 -17.28 -6.81 -26.34
N LEU C 15 -16.05 -7.06 -26.79
CA LEU C 15 -15.40 -6.19 -27.74
C LEU C 15 -14.98 -6.96 -28.98
N GLU C 16 -15.00 -6.27 -30.11
CA GLU C 16 -14.54 -6.78 -31.39
C GLU C 16 -13.19 -6.13 -31.67
N VAL C 17 -12.13 -6.95 -31.78
CA VAL C 17 -10.75 -6.47 -31.85
C VAL C 17 -9.95 -7.32 -32.82
N GLU C 18 -8.71 -6.87 -33.07
CA GLU C 18 -7.70 -7.58 -33.84
C GLU C 18 -6.46 -7.76 -32.97
N PRO C 19 -5.71 -8.85 -33.16
CA PRO C 19 -4.47 -9.03 -32.39
C PRO C 19 -3.52 -7.83 -32.43
N SER C 20 -3.51 -7.07 -33.51
CA SER C 20 -2.63 -5.90 -33.61
C SER C 20 -3.19 -4.65 -32.95
N ASP C 21 -4.40 -4.70 -32.39
CA ASP C 21 -4.95 -3.54 -31.69
C ASP C 21 -4.12 -3.23 -30.46
N THR C 22 -3.83 -1.94 -30.26
CA THR C 22 -3.13 -1.53 -29.04
C THR C 22 -4.11 -1.45 -27.87
N ILE C 23 -3.55 -1.49 -26.67
CA ILE C 23 -4.37 -1.30 -25.47
C ILE C 23 -5.05 0.07 -25.51
N GLU C 24 -4.39 1.07 -26.08
CA GLU C 24 -5.03 2.36 -26.31
C GLU C 24 -6.27 2.23 -27.20
N ASN C 25 -6.15 1.51 -28.33
CA ASN C 25 -7.35 1.26 -29.17
C ASN C 25 -8.46 0.57 -28.36
N VAL C 26 -8.09 -0.40 -27.52
CA VAL C 26 -9.08 -1.13 -26.74
C VAL C 26 -9.80 -0.19 -25.78
N LYS C 27 -9.04 0.67 -25.09
CA LYS C 27 -9.65 1.65 -24.20
C LYS C 27 -10.60 2.57 -24.98
N ALA C 28 -10.18 3.02 -26.16
CA ALA C 28 -11.09 3.79 -27.01
C ALA C 28 -12.35 3.00 -27.31
N LYS C 29 -12.22 1.71 -27.62
CA LYS C 29 -13.40 0.90 -27.88
C LYS C 29 -14.26 0.76 -26.64
N ILE C 30 -13.64 0.72 -25.46
CA ILE C 30 -14.43 0.69 -24.23
C ILE C 30 -15.20 1.99 -24.06
N GLN C 31 -14.58 3.11 -24.42
CA GLN C 31 -15.28 4.38 -24.37
C GLN C 31 -16.49 4.40 -25.30
N ASP C 32 -16.40 3.75 -26.46
CA ASP C 32 -17.50 3.75 -27.41
C ASP C 32 -18.72 3.01 -26.88
N LYS C 33 -18.52 1.81 -26.31
CA LYS C 33 -19.65 1.02 -25.81
C LYS C 33 -20.12 1.47 -24.45
N GLU C 34 -19.23 2.06 -23.63
CA GLU C 34 -19.54 2.36 -22.24
C GLU C 34 -19.36 3.81 -21.83
N GLY C 35 -18.77 4.65 -22.68
CA GLY C 35 -18.62 6.06 -22.33
C GLY C 35 -17.68 6.37 -21.20
N ILE C 36 -16.74 5.47 -20.88
CA ILE C 36 -15.73 5.74 -19.86
C ILE C 36 -14.54 6.39 -20.53
N PRO C 37 -14.10 7.56 -20.06
CA PRO C 37 -12.92 8.18 -20.66
C PRO C 37 -11.71 7.28 -20.53
N PRO C 38 -10.93 7.12 -21.60
CA PRO C 38 -9.79 6.19 -21.56
C PRO C 38 -8.79 6.48 -20.45
N ASP C 39 -8.54 7.76 -20.14
CA ASP C 39 -7.54 8.04 -19.10
C ASP C 39 -8.05 7.72 -17.70
N GLN C 40 -9.27 7.20 -17.57
CA GLN C 40 -9.75 6.62 -16.32
C GLN C 40 -9.68 5.10 -16.30
N GLN C 41 -9.31 4.46 -17.40
CA GLN C 41 -9.30 3.00 -17.46
C GLN C 41 -7.91 2.42 -17.12
N ARG C 42 -7.89 1.51 -16.15
CA ARG C 42 -6.79 0.56 -15.98
C ARG C 42 -7.29 -0.81 -16.46
N LEU C 43 -6.56 -1.40 -17.41
CA LEU C 43 -6.87 -2.73 -17.89
C LEU C 43 -5.83 -3.69 -17.35
N ILE C 44 -6.30 -4.74 -16.69
CA ILE C 44 -5.49 -5.76 -16.04
C ILE C 44 -5.60 -7.05 -16.85
N PHE C 45 -4.48 -7.74 -17.06
CA PHE C 45 -4.53 -9.09 -17.61
C PHE C 45 -3.33 -9.86 -17.12
N ALA C 46 -3.54 -11.13 -16.78
CA ALA C 46 -2.46 -11.99 -16.31
C ALA C 46 -1.68 -11.34 -15.17
N GLY C 47 -2.41 -10.72 -14.25
CA GLY C 47 -1.80 -10.08 -13.09
C GLY C 47 -1.05 -8.80 -13.30
N LYS C 48 -0.97 -8.31 -14.52
CA LYS C 48 -0.34 -7.03 -14.81
C LYS C 48 -1.40 -5.99 -15.18
N GLN C 49 -1.03 -4.73 -15.01
CA GLN C 49 -1.71 -3.65 -15.70
C GLN C 49 -1.06 -3.49 -17.07
N LEU C 50 -1.86 -3.22 -18.07
CA LEU C 50 -1.43 -3.24 -19.45
C LEU C 50 -1.07 -1.83 -19.90
N GLU C 51 0.00 -1.74 -20.69
CA GLU C 51 0.50 -0.48 -21.23
C GLU C 51 -0.21 -0.13 -22.54
N ASP C 52 -0.54 1.15 -22.68
CA ASP C 52 -1.34 1.65 -23.81
C ASP C 52 -0.72 1.31 -25.15
N GLY C 53 0.60 1.39 -25.25
CA GLY C 53 1.29 1.32 -26.52
C GLY C 53 1.58 -0.06 -27.03
N ARG C 54 1.32 -1.11 -26.24
CA ARG C 54 1.54 -2.48 -26.69
C ARG C 54 0.24 -3.10 -27.23
N THR C 55 0.37 -4.19 -27.98
CA THR C 55 -0.77 -4.80 -28.66
C THR C 55 -1.36 -5.95 -27.85
N LEU C 56 -2.60 -6.31 -28.19
CA LEU C 56 -3.19 -7.52 -27.63
C LEU C 56 -2.29 -8.73 -27.87
N SER C 57 -1.73 -8.84 -29.08
CA SER C 57 -0.84 -9.95 -29.36
C SER C 57 0.40 -9.89 -28.48
N ASP C 58 0.93 -8.69 -28.20
CA ASP C 58 2.08 -8.56 -27.31
C ASP C 58 1.83 -9.22 -25.97
N TYR C 59 0.62 -9.06 -25.44
CA TYR C 59 0.28 -9.57 -24.12
C TYR C 59 -0.33 -10.96 -24.18
N ASN C 60 -0.31 -11.58 -25.36
CA ASN C 60 -0.87 -12.92 -25.55
C ASN C 60 -2.36 -12.96 -25.23
N ILE C 61 -3.06 -11.87 -25.53
CA ILE C 61 -4.50 -11.83 -25.33
C ILE C 61 -5.15 -12.43 -26.57
N GLN C 62 -5.77 -13.62 -26.41
CA GLN C 62 -6.37 -14.35 -27.52
C GLN C 62 -7.89 -14.19 -27.54
N LYS C 63 -8.52 -14.79 -28.55
CA LYS C 63 -9.97 -14.69 -28.65
C LYS C 63 -10.59 -15.23 -27.37
N GLU C 64 -11.58 -14.51 -26.83
CA GLU C 64 -12.32 -14.86 -25.63
C GLU C 64 -11.48 -14.81 -24.35
N SER C 65 -10.27 -14.22 -24.40
CA SER C 65 -9.62 -13.82 -23.16
C SER C 65 -10.48 -12.76 -22.48
N THR C 66 -10.31 -12.65 -21.16
CA THR C 66 -11.07 -11.69 -20.36
C THR C 66 -10.10 -10.70 -19.74
N LEU C 67 -10.28 -9.43 -20.08
CA LEU C 67 -9.56 -8.33 -19.46
C LEU C 67 -10.36 -7.84 -18.25
N HIS C 68 -9.65 -7.26 -17.27
CA HIS C 68 -10.31 -6.72 -16.09
C HIS C 68 -10.18 -5.21 -16.04
N LEU C 69 -11.30 -4.52 -15.92
CA LEU C 69 -11.33 -3.06 -15.91
C LEU C 69 -11.43 -2.55 -14.49
N VAL C 70 -10.48 -1.69 -14.10
CA VAL C 70 -10.46 -0.98 -12.83
C VAL C 70 -10.35 0.52 -13.12
N LEU C 71 -11.29 1.32 -12.58
CA LEU C 71 -11.28 2.76 -12.81
C LEU C 71 -10.26 3.46 -11.90
N ARG C 72 -9.79 4.63 -12.35
CA ARG C 72 -8.80 5.39 -11.60
C ARG C 72 -9.48 6.22 -10.52
N LEU C 73 -8.82 6.29 -9.36
CA LEU C 73 -9.37 6.92 -8.16
C LEU C 73 -9.77 8.38 -8.39
N ARG C 74 -8.78 9.24 -8.61
CA ARG C 74 -8.96 10.67 -8.85
C ARG C 74 -9.47 11.42 -7.62
N GLY C 75 -8.63 12.27 -7.05
CA GLY C 75 -9.03 13.17 -5.97
C GLY C 75 -9.63 14.47 -6.50
N MET D 1 2.92 27.85 -18.27
CA MET D 1 2.07 27.26 -19.30
C MET D 1 1.61 25.87 -18.88
N GLN D 2 0.93 25.18 -19.78
CA GLN D 2 0.32 23.89 -19.49
C GLN D 2 0.99 22.82 -20.34
N ILE D 3 1.45 21.74 -19.69
CA ILE D 3 1.98 20.56 -20.36
C ILE D 3 1.32 19.33 -19.79
N PHE D 4 1.48 18.21 -20.49
CA PHE D 4 0.86 16.94 -20.14
C PHE D 4 1.93 15.88 -19.92
N VAL D 5 1.81 15.16 -18.80
CA VAL D 5 2.69 14.03 -18.49
C VAL D 5 1.81 12.77 -18.47
N LYS D 6 2.23 11.76 -19.22
CA LYS D 6 1.41 10.60 -19.54
C LYS D 6 2.25 9.36 -19.28
N THR D 7 1.79 8.50 -18.38
CA THR D 7 2.49 7.26 -18.10
C THR D 7 2.21 6.20 -19.17
N LEU D 8 3.04 5.15 -19.17
CA LEU D 8 2.88 4.07 -20.14
C LEU D 8 1.53 3.40 -20.01
N THR D 9 0.91 3.45 -18.83
CA THR D 9 -0.39 2.85 -18.59
C THR D 9 -1.54 3.82 -18.80
N GLY D 10 -1.26 5.05 -19.23
CA GLY D 10 -2.30 5.98 -19.61
C GLY D 10 -2.76 6.95 -18.54
N LYS D 11 -2.21 6.91 -17.33
CA LYS D 11 -2.52 7.96 -16.37
C LYS D 11 -1.99 9.28 -16.91
N THR D 12 -2.89 10.23 -17.08
CA THR D 12 -2.49 11.53 -17.59
C THR D 12 -2.49 12.55 -16.45
N ILE D 13 -1.36 13.24 -16.30
CA ILE D 13 -1.19 14.34 -15.36
C ILE D 13 -0.93 15.64 -16.09
N THR D 14 -1.54 16.70 -15.57
CA THR D 14 -1.54 18.02 -16.19
C THR D 14 -0.86 19.02 -15.26
N LEU D 15 0.22 19.64 -15.74
CA LEU D 15 1.06 20.52 -14.93
C LEU D 15 1.04 21.94 -15.45
N GLU D 16 1.36 22.87 -14.55
CA GLU D 16 1.55 24.28 -14.86
C GLU D 16 3.04 24.58 -14.70
N VAL D 17 3.71 24.91 -15.80
CA VAL D 17 5.15 25.03 -15.84
C VAL D 17 5.56 26.33 -16.55
N GLU D 18 6.83 26.68 -16.37
CA GLU D 18 7.45 27.73 -17.16
C GLU D 18 8.51 27.15 -18.07
N PRO D 19 8.66 27.67 -19.29
CA PRO D 19 9.69 27.13 -20.19
C PRO D 19 11.08 27.18 -19.60
N SER D 20 11.29 27.97 -18.55
CA SER D 20 12.57 28.04 -17.86
C SER D 20 12.65 27.11 -16.65
N ASP D 21 11.71 26.16 -16.51
CA ASP D 21 11.80 25.16 -15.46
C ASP D 21 12.82 24.10 -15.83
N THR D 22 13.63 23.70 -14.85
CA THR D 22 14.47 22.53 -15.06
C THR D 22 13.67 21.24 -14.90
N ILE D 23 14.16 20.19 -15.55
CA ILE D 23 13.49 18.90 -15.47
C ILE D 23 13.45 18.40 -14.03
N GLU D 24 14.47 18.73 -13.24
CA GLU D 24 14.40 18.54 -11.79
C GLU D 24 13.12 19.14 -11.23
N ASN D 25 12.84 20.40 -11.55
CA ASN D 25 11.61 21.03 -11.04
C ASN D 25 10.37 20.36 -11.60
N VAL D 26 10.42 19.87 -12.84
CA VAL D 26 9.26 19.20 -13.40
C VAL D 26 8.98 17.92 -12.61
N LYS D 27 10.02 17.15 -12.34
CA LYS D 27 9.87 15.93 -11.56
C LYS D 27 9.29 16.22 -10.20
N ALA D 28 9.70 17.33 -9.58
CA ALA D 28 9.17 17.68 -8.27
C ALA D 28 7.71 18.07 -8.32
N LYS D 29 7.28 18.72 -9.41
CA LYS D 29 5.84 18.98 -9.55
C LYS D 29 5.04 17.69 -9.77
N ILE D 30 5.64 16.72 -10.44
CA ILE D 30 4.96 15.43 -10.58
C ILE D 30 4.86 14.76 -9.22
N GLN D 31 5.92 14.83 -8.42
CA GLN D 31 5.83 14.29 -7.07
C GLN D 31 4.75 15.00 -6.26
N ASP D 32 4.59 16.31 -6.46
CA ASP D 32 3.57 17.04 -5.70
C ASP D 32 2.17 16.53 -6.02
N LYS D 33 1.90 16.23 -7.29
CA LYS D 33 0.56 15.74 -7.64
C LYS D 33 0.39 14.25 -7.41
N GLU D 34 1.40 13.45 -7.71
CA GLU D 34 1.19 12.01 -7.75
C GLU D 34 2.08 11.21 -6.81
N GLY D 35 3.01 11.85 -6.11
CA GLY D 35 3.78 11.17 -5.10
C GLY D 35 4.89 10.23 -5.60
N ILE D 36 5.18 10.22 -6.89
CA ILE D 36 6.31 9.41 -7.37
C ILE D 36 7.60 10.12 -7.06
N PRO D 37 8.57 9.48 -6.41
CA PRO D 37 9.87 10.11 -6.15
C PRO D 37 10.57 10.42 -7.46
N PRO D 38 11.17 11.60 -7.58
CA PRO D 38 11.92 11.93 -8.81
C PRO D 38 12.96 10.90 -9.20
N ASP D 39 13.61 10.28 -8.21
CA ASP D 39 14.56 9.20 -8.47
C ASP D 39 13.94 8.04 -9.24
N GLN D 40 12.63 7.85 -9.14
CA GLN D 40 11.97 6.78 -9.86
C GLN D 40 11.40 7.23 -11.20
N GLN D 41 11.48 8.52 -11.53
CA GLN D 41 10.89 9.04 -12.75
C GLN D 41 11.88 9.00 -13.90
N ARG D 42 11.39 8.62 -15.08
CA ARG D 42 12.15 8.72 -16.32
C ARG D 42 11.28 9.47 -17.33
N LEU D 43 11.61 10.73 -17.58
CA LEU D 43 10.83 11.56 -18.49
C LEU D 43 11.41 11.49 -19.90
N ILE D 44 10.52 11.38 -20.89
CA ILE D 44 10.90 11.26 -22.30
C ILE D 44 10.07 12.23 -23.12
N PHE D 45 10.73 12.96 -24.02
CA PHE D 45 10.06 13.80 -24.99
C PHE D 45 10.74 13.60 -26.34
N ALA D 46 9.92 13.56 -27.39
CA ALA D 46 10.36 12.96 -28.64
C ALA D 46 10.96 11.61 -28.29
N GLY D 47 12.21 11.38 -28.68
CA GLY D 47 12.91 10.19 -28.26
C GLY D 47 13.87 10.40 -27.12
N LYS D 48 14.00 11.63 -26.63
CA LYS D 48 15.09 11.98 -25.73
C LYS D 48 14.64 11.81 -24.28
N GLN D 49 15.38 10.95 -23.55
CA GLN D 49 15.38 11.00 -22.09
C GLN D 49 15.85 12.38 -21.65
N LEU D 50 14.98 13.14 -21.01
CA LEU D 50 15.33 14.49 -20.60
C LEU D 50 16.24 14.45 -19.37
N GLU D 51 17.20 15.37 -19.34
CA GLU D 51 18.22 15.40 -18.29
C GLU D 51 17.81 16.39 -17.19
N ASP D 52 18.20 16.06 -15.95
CA ASP D 52 17.73 16.83 -14.79
C ASP D 52 18.18 18.28 -14.83
N GLY D 53 19.32 18.57 -15.46
CA GLY D 53 19.84 19.92 -15.47
C GLY D 53 19.25 20.82 -16.53
N ARG D 54 18.83 20.27 -17.67
CA ARG D 54 18.35 21.12 -18.75
C ARG D 54 16.97 21.68 -18.42
N THR D 55 16.50 22.58 -19.28
CA THR D 55 15.26 23.30 -19.09
C THR D 55 14.24 22.86 -20.14
N LEU D 56 12.97 23.25 -19.92
CA LEU D 56 11.93 22.91 -20.90
C LEU D 56 12.20 23.55 -22.26
N SER D 57 12.91 24.69 -22.29
CA SER D 57 13.27 25.31 -23.56
C SER D 57 14.42 24.58 -24.25
N ASP D 58 15.36 24.00 -23.49
CA ASP D 58 16.45 23.23 -24.06
C ASP D 58 15.92 22.16 -25.02
N TYR D 59 14.78 21.57 -24.69
CA TYR D 59 14.14 20.55 -25.50
C TYR D 59 13.00 21.10 -26.35
N ASN D 60 12.80 22.41 -26.35
CA ASN D 60 11.73 23.05 -27.14
C ASN D 60 10.38 22.43 -26.82
N ILE D 61 10.08 22.29 -25.53
CA ILE D 61 8.78 21.87 -25.05
C ILE D 61 7.93 23.12 -24.86
N GLN D 62 6.84 23.25 -25.63
CA GLN D 62 5.97 24.41 -25.62
C GLN D 62 4.64 24.04 -24.95
N LYS D 63 3.66 24.94 -25.04
CA LYS D 63 2.37 24.72 -24.41
C LYS D 63 1.63 23.55 -25.07
N GLU D 64 0.75 22.91 -24.30
CA GLU D 64 -0.06 21.76 -24.69
C GLU D 64 0.77 20.53 -25.09
N SER D 65 2.08 20.54 -24.84
CA SER D 65 2.95 19.40 -25.10
C SER D 65 2.62 18.21 -24.19
N THR D 66 3.01 17.01 -24.63
CA THR D 66 2.90 15.80 -23.83
C THR D 66 4.28 15.17 -23.62
N LEU D 67 4.62 14.92 -22.37
CA LEU D 67 5.81 14.14 -22.03
C LEU D 67 5.41 12.74 -21.57
N HIS D 68 6.35 11.80 -21.72
CA HIS D 68 6.13 10.41 -21.37
C HIS D 68 6.89 10.09 -20.10
N LEU D 69 6.17 9.66 -19.08
CA LEU D 69 6.71 9.30 -17.78
C LEU D 69 6.85 7.80 -17.73
N VAL D 70 8.09 7.31 -17.88
CA VAL D 70 8.37 5.87 -17.89
C VAL D 70 8.62 5.45 -16.46
N LEU D 71 7.76 4.57 -15.93
CA LEU D 71 7.80 4.09 -14.56
C LEU D 71 7.89 2.58 -14.53
N ARG D 72 8.36 2.07 -13.40
CA ARG D 72 8.50 0.65 -13.16
C ARG D 72 7.55 0.37 -11.99
N LEU D 73 6.40 -0.23 -12.29
CA LEU D 73 5.29 -0.27 -11.32
C LEU D 73 5.61 -1.11 -10.09
N ARG D 74 5.12 -0.65 -8.94
CA ARG D 74 5.39 -1.23 -7.64
C ARG D 74 4.10 -1.83 -7.05
N GLY D 75 4.27 -2.68 -6.04
CA GLY D 75 3.15 -3.32 -5.39
C GLY D 75 2.76 -2.72 -4.05
CAC FLC E . -21.07 28.96 25.44
CA FLC E . -22.47 29.19 24.87
CB FLC E . -23.48 28.29 25.56
CBC FLC E . -23.20 28.28 27.07
CG FLC E . -24.89 28.84 25.31
CGC FLC E . -25.77 27.78 24.64
OA1 FLC E . -20.44 29.91 25.97
OA2 FLC E . -20.54 27.81 25.37
OB1 FLC E . -23.59 29.25 27.77
OB2 FLC E . -22.58 27.31 27.58
OG1 FLC E . -26.66 28.13 23.81
OG2 FLC E . -25.63 26.55 24.93
OHB FLC E . -23.37 26.98 25.07
CAC FLC F . -12.09 18.97 3.54
CA FLC F . -11.21 18.43 2.39
CB FLC F . -10.64 19.53 1.45
CBC FLC F . -11.74 20.33 0.74
CG FLC F . -9.59 18.83 0.57
CGC FLC F . -9.75 18.91 -0.95
OA1 FLC F . -12.08 18.44 4.70
OA2 FLC F . -12.84 19.96 3.31
OB1 FLC F . -11.72 21.60 0.83
OB2 FLC F . -12.69 19.78 0.12
OG1 FLC F . -9.85 20.02 -1.56
OG2 FLC F . -9.76 17.83 -1.59
OHB FLC F . -9.91 20.52 2.13
CAC FLC G . -5.97 16.72 28.95
CA FLC G . -6.18 17.97 28.08
CB FLC G . -7.40 18.80 28.50
CBC FLC G . -7.94 19.50 27.24
CG FLC G . -8.52 17.92 29.05
CGC FLC G . -8.62 17.94 30.59
OA1 FLC G . -5.65 16.83 30.17
OA2 FLC G . -6.11 15.57 28.44
OB1 FLC G . -8.36 20.69 27.30
OB2 FLC G . -7.96 18.87 26.15
OG1 FLC G . -8.73 19.04 31.21
OG2 FLC G . -8.61 16.85 31.23
OHB FLC G . -7.00 19.76 29.46
CAC FLC H . 5.27 -35.33 14.73
CA FLC H . 5.43 -35.64 13.22
CB FLC H . 6.70 -36.37 12.73
CBC FLC H . 6.81 -37.83 13.20
CG FLC H . 7.99 -35.61 13.11
CGC FLC H . 9.22 -36.07 12.31
OA1 FLC H . 4.17 -35.59 15.29
OA2 FLC H . 6.19 -34.82 15.43
OB1 FLC H . 6.43 -38.20 14.35
OB2 FLC H . 7.29 -38.70 12.43
OG1 FLC H . 9.99 -36.97 12.78
OG2 FLC H . 9.48 -35.55 11.19
OHB FLC H . 6.60 -36.36 11.33
C1 EDO I . 25.03 -34.29 11.62
O1 EDO I . 26.10 -33.48 12.05
C2 EDO I . 24.83 -35.44 12.60
O2 EDO I . 24.26 -36.55 11.96
N GVE J . -10.01 15.13 -5.41
C1 GVE J . -11.28 15.84 -5.46
CB GVE J . -11.11 17.15 -6.22
CG GVE J . -12.50 17.66 -6.58
C GVE J . -12.39 19.10 -7.08
OXT GVE J . -13.14 20.11 -6.44
O GVE J . -11.68 19.36 -8.00
CH3 GVE J . -12.90 21.40 -6.92
C1 EDO K . -18.76 -14.68 -20.44
O1 EDO K . -19.25 -14.17 -21.66
C2 EDO K . -19.39 -13.87 -19.31
O2 EDO K . -19.83 -14.71 -18.29
C1 EDO L . 0.35 -13.88 -34.21
O1 EDO L . 1.46 -13.31 -33.56
C2 EDO L . -0.89 -13.83 -33.31
O2 EDO L . -1.97 -14.50 -33.92
CAC FLC M . -3.95 4.24 -10.74
CA FLC M . -2.88 3.14 -10.84
CB FLC M . -1.49 3.63 -11.26
CBC FLC M . -1.50 3.72 -12.79
CG FLC M . -0.32 2.73 -10.85
CGC FLC M . -0.57 1.35 -10.21
OA1 FLC M . -5.13 3.94 -10.41
OA2 FLC M . -3.68 5.44 -10.99
OB1 FLC M . -2.54 3.37 -13.40
OB2 FLC M . -0.50 4.16 -13.42
OG1 FLC M . -1.48 1.12 -9.36
OG2 FLC M . 0.20 0.38 -10.50
OHB FLC M . -1.24 4.91 -10.73
OH2 1PE N . 18.30 1.02 -12.95
C12 1PE N . 17.49 1.67 -12.00
C22 1PE N . 17.56 3.18 -12.23
OH3 1PE N . 16.32 3.77 -11.99
C13 1PE N . 14.43 4.98 -12.97
C23 1PE N . 15.94 4.76 -12.93
OH4 1PE N . 13.78 3.85 -13.52
C14 1PE N . 12.37 2.77 -15.13
C24 1PE N . 12.88 4.10 -14.57
OH5 1PE N . 12.36 2.77 -16.53
C15 1PE N . 13.84 1.62 -18.08
C25 1PE N . 12.64 1.53 -17.14
OH6 1PE N . 13.42 2.11 -19.34
C16 1PE N . 13.68 3.50 -21.30
C26 1PE N . 14.37 2.82 -20.10
OH7 1PE N . 14.65 4.19 -22.06
N GVE O . 2.26 -3.56 -3.15
C1 GVE O . 1.17 -3.55 -2.19
CB GVE O . 1.69 -3.23 -0.79
CG GVE O . 0.46 -2.84 0.06
C GVE O . 0.60 -1.50 0.82
OXT GVE O . -0.38 -1.20 1.80
O GVE O . 1.49 -0.74 0.58
CH3 GVE O . -0.52 0.14 2.15
#